data_2G01
#
_entry.id   2G01
#
_cell.length_a   150.622
_cell.length_b   150.622
_cell.length_c   118.996
_cell.angle_alpha   90.00
_cell.angle_beta   90.00
_cell.angle_gamma   120.00
#
_symmetry.space_group_name_H-M   'P 32 2 1'
#
loop_
_entity.id
_entity.type
_entity.pdbx_description
1 polymer 'Mitogen-activated protein kinase 8'
2 polymer 'C-jun-amino-terminal kinase-interacting protein 1'
3 non-polymer 'SULFATE ION'
4 non-polymer 6-CHLORO-9-HYDROXY-1,3-DIMETHYL-1,9-DIHYDRO-4H-PYRAZOLO[3,4-B]QUINOLIN-4-ONE
#
loop_
_entity_poly.entity_id
_entity_poly.type
_entity_poly.pdbx_seq_one_letter_code
_entity_poly.pdbx_strand_id
1 'polypeptide(L)'
;MSRSKRDNNFYSVEIGDSTFTVLKRYQNLKPIGSGAQGIVCAAYDAILERNVAIKKLSRPFQNQTHAKRAYRELVLMKCV
NHKNIIGLLNVFTPQKSLEEFQDVYIVMELMDANLCQVIQMELDHERMSYLLYQMLCGIKHLHSAGIIHRDLKPSNIVVK
SDCTLKILDFGLARTAGTSFMMEPEVVTRYYRAPEVILGMGYKENVDLWSVGCIMGEMVCHKILFPGRDYIDQWNKVIEQ
LGTPCPEFMKKLQPTVRTYVENRPKYAGYSFEKLFPDVLFPADSEHNKLKASQARDLLSKMLVIDASKRISVDEALQHPY
INVWYDPSEAEAPPPKIPDKQLDEREHTIEEWKELIYKEVMDLEHHHHHH
;
A,B
2 'polypeptide(L)' RPKRPTTLNLF F,G
#
loop_
_chem_comp.id
_chem_comp.type
_chem_comp.name
_chem_comp.formula
73Q non-polymer 6-CHLORO-9-HYDROXY-1,3-DIMETHYL-1,9-DIHYDRO-4H-PYRAZOLO[3,4-B]QUINOLIN-4-ONE 'C12 H10 Cl N3 O2'
SO4 non-polymer 'SULFATE ION' 'O4 S -2'
#
# COMPACT_ATOMS: atom_id res chain seq x y z
N PHE A 10 -11.77 -18.93 -37.36
CA PHE A 10 -11.75 -19.53 -35.98
C PHE A 10 -13.14 -19.85 -35.42
N TYR A 11 -13.18 -20.69 -34.39
CA TYR A 11 -14.44 -21.11 -33.78
C TYR A 11 -14.54 -20.81 -32.28
N SER A 12 -15.15 -21.74 -31.55
CA SER A 12 -15.32 -21.60 -30.10
C SER A 12 -15.70 -22.93 -29.46
N VAL A 13 -15.40 -23.04 -28.17
CA VAL A 13 -15.72 -24.23 -27.38
C VAL A 13 -15.98 -23.81 -25.93
N GLU A 14 -17.04 -24.35 -25.34
CA GLU A 14 -17.44 -24.02 -23.97
C GLU A 14 -16.50 -24.56 -22.88
N ILE A 15 -16.12 -23.67 -21.96
CA ILE A 15 -15.23 -24.03 -20.86
C ILE A 15 -15.52 -23.21 -19.61
N GLY A 16 -15.81 -23.88 -18.50
CA GLY A 16 -16.08 -23.20 -17.24
C GLY A 16 -17.18 -22.16 -17.36
N ASP A 17 -16.80 -20.94 -17.74
CA ASP A 17 -17.75 -19.84 -17.90
C ASP A 17 -17.45 -19.08 -19.19
N SER A 18 -16.24 -18.52 -19.27
CA SER A 18 -15.83 -17.79 -20.47
C SER A 18 -15.54 -18.82 -21.56
N THR A 19 -16.20 -18.68 -22.70
CA THR A 19 -16.01 -19.58 -23.82
C THR A 19 -14.82 -19.04 -24.63
N PHE A 20 -14.19 -19.90 -25.43
CA PHE A 20 -13.04 -19.50 -26.25
C PHE A 20 -13.41 -19.03 -27.67
N THR A 21 -12.39 -18.54 -28.39
CA THR A 21 -12.58 -18.07 -29.76
C THR A 21 -11.26 -18.24 -30.56
N VAL A 22 -10.69 -19.44 -30.43
CA VAL A 22 -9.42 -19.84 -31.06
C VAL A 22 -9.51 -20.23 -32.53
N LEU A 23 -8.36 -20.15 -33.20
CA LEU A 23 -8.22 -20.47 -34.62
C LEU A 23 -8.32 -21.96 -34.91
N LYS A 24 -8.82 -22.28 -36.11
CA LYS A 24 -9.02 -23.66 -36.53
C LYS A 24 -7.82 -24.58 -36.32
N ARG A 25 -6.62 -24.05 -36.50
CA ARG A 25 -5.41 -24.84 -36.34
C ARG A 25 -5.22 -25.37 -34.92
N TYR A 26 -6.24 -25.27 -34.09
CA TYR A 26 -6.15 -25.74 -32.71
C TYR A 26 -7.31 -26.65 -32.34
N GLN A 27 -7.26 -27.90 -32.78
CA GLN A 27 -8.30 -28.90 -32.52
C GLN A 27 -8.35 -29.42 -31.09
N ASN A 28 -9.02 -30.56 -30.92
CA ASN A 28 -9.19 -31.22 -29.62
C ASN A 28 -8.78 -30.33 -28.47
N LEU A 29 -9.57 -29.29 -28.23
CA LEU A 29 -9.27 -28.33 -27.19
C LEU A 29 -9.84 -28.65 -25.82
N LYS A 30 -8.95 -28.78 -24.83
CA LYS A 30 -9.34 -29.09 -23.46
C LYS A 30 -8.56 -28.24 -22.46
N PRO A 31 -9.13 -27.95 -21.28
CA PRO A 31 -8.54 -27.16 -20.21
C PRO A 31 -7.46 -27.93 -19.46
N ILE A 32 -6.54 -27.20 -18.86
CA ILE A 32 -5.45 -27.84 -18.12
C ILE A 32 -5.22 -27.20 -16.76
N GLY A 33 -5.15 -25.87 -16.75
CA GLY A 33 -4.91 -25.14 -15.52
C GLY A 33 -5.84 -23.95 -15.36
N SER A 34 -6.11 -23.62 -14.10
CA SER A 34 -6.99 -22.51 -13.74
C SER A 34 -6.43 -21.17 -14.23
N GLY A 35 -5.75 -20.46 -13.33
CA GLY A 35 -5.16 -19.19 -13.68
C GLY A 35 -5.58 -18.04 -12.78
N ALA A 36 -4.60 -17.27 -12.32
CA ALA A 36 -4.88 -16.11 -11.48
C ALA A 36 -5.17 -14.93 -12.39
N GLN A 37 -4.53 -14.94 -13.57
CA GLN A 37 -4.71 -13.88 -14.55
C GLN A 37 -5.42 -14.35 -15.83
N GLY A 38 -5.46 -15.66 -16.05
CA GLY A 38 -6.12 -16.17 -17.23
C GLY A 38 -6.52 -17.63 -17.17
N ILE A 39 -6.69 -18.23 -18.33
CA ILE A 39 -7.06 -19.64 -18.42
C ILE A 39 -6.15 -20.31 -19.44
N VAL A 40 -6.08 -21.63 -19.43
CA VAL A 40 -5.17 -22.30 -20.36
C VAL A 40 -5.53 -23.74 -20.73
N CYS A 41 -5.57 -23.99 -22.05
CA CYS A 41 -5.89 -25.30 -22.61
C CYS A 41 -4.71 -25.95 -23.37
N ALA A 42 -4.81 -27.25 -23.59
CA ALA A 42 -3.78 -28.02 -24.30
C ALA A 42 -4.31 -28.58 -25.62
N ALA A 43 -4.53 -27.67 -26.57
CA ALA A 43 -5.03 -28.00 -27.88
C ALA A 43 -3.90 -28.40 -28.81
N TYR A 44 -4.23 -29.20 -29.83
CA TYR A 44 -3.25 -29.66 -30.80
C TYR A 44 -3.18 -28.78 -32.04
N ASP A 45 -2.01 -28.17 -32.25
CA ASP A 45 -1.79 -27.29 -33.39
C ASP A 45 -1.51 -28.13 -34.63
N ALA A 46 -2.58 -28.65 -35.20
CA ALA A 46 -2.50 -29.50 -36.38
C ALA A 46 -1.64 -28.87 -37.47
N ILE A 47 -1.74 -27.56 -37.63
CA ILE A 47 -0.97 -26.87 -38.66
C ILE A 47 0.54 -26.79 -38.38
N LEU A 48 0.98 -27.26 -37.21
CA LEU A 48 2.40 -27.22 -36.88
C LEU A 48 2.90 -28.51 -36.23
N GLU A 49 1.97 -29.36 -35.81
CA GLU A 49 2.34 -30.63 -35.21
C GLU A 49 3.03 -30.44 -33.87
N ARG A 50 2.25 -30.43 -32.79
CA ARG A 50 2.76 -30.26 -31.43
C ARG A 50 1.64 -29.72 -30.57
N ASN A 51 1.06 -30.55 -29.71
CA ASN A 51 -0.01 -30.07 -28.85
C ASN A 51 0.50 -28.77 -28.24
N VAL A 52 -0.25 -27.69 -28.39
CA VAL A 52 0.18 -26.41 -27.84
C VAL A 52 -0.68 -25.93 -26.69
N ALA A 53 -0.11 -25.06 -25.86
CA ALA A 53 -0.84 -24.51 -24.73
C ALA A 53 -1.45 -23.18 -25.12
N ILE A 54 -2.75 -23.03 -24.91
CA ILE A 54 -3.46 -21.80 -25.24
C ILE A 54 -3.98 -21.14 -23.98
N LYS A 55 -3.75 -19.83 -23.86
CA LYS A 55 -4.21 -19.02 -22.73
C LYS A 55 -4.65 -17.69 -23.31
N LYS A 56 -5.82 -17.20 -22.91
CA LYS A 56 -6.33 -15.94 -23.44
C LYS A 56 -6.39 -14.75 -22.48
N LEU A 57 -5.99 -14.96 -21.23
CA LEU A 57 -5.99 -13.90 -20.21
C LEU A 57 -7.41 -13.62 -19.70
N SER A 58 -7.63 -13.87 -18.40
CA SER A 58 -8.94 -13.65 -17.79
C SER A 58 -9.25 -12.17 -17.60
N ARG A 59 -8.20 -11.36 -17.45
CA ARG A 59 -8.37 -9.94 -17.25
C ARG A 59 -7.70 -9.07 -18.31
N PRO A 60 -8.33 -8.98 -19.48
CA PRO A 60 -7.87 -8.20 -20.64
C PRO A 60 -7.47 -6.80 -20.21
N PHE A 61 -8.38 -5.86 -20.38
CA PHE A 61 -8.13 -4.48 -20.00
C PHE A 61 -9.44 -3.84 -19.58
N GLN A 62 -10.16 -4.50 -18.67
CA GLN A 62 -11.42 -3.98 -18.17
C GLN A 62 -11.15 -3.14 -16.93
N ASN A 63 -9.91 -2.72 -16.75
CA ASN A 63 -9.52 -1.90 -15.59
C ASN A 63 -8.42 -0.88 -15.91
N GLN A 64 -7.32 -0.97 -15.18
CA GLN A 64 -6.18 -0.06 -15.36
C GLN A 64 -4.92 -0.77 -14.89
N THR A 65 -5.05 -1.46 -13.77
CA THR A 65 -3.97 -2.17 -13.12
C THR A 65 -3.69 -3.57 -13.68
N HIS A 66 -4.55 -4.09 -14.55
CA HIS A 66 -4.33 -5.42 -15.11
C HIS A 66 -4.04 -5.46 -16.62
N ALA A 67 -4.20 -4.32 -17.28
CA ALA A 67 -3.93 -4.25 -18.71
C ALA A 67 -2.44 -3.98 -18.81
N LYS A 68 -1.97 -3.08 -17.95
CA LYS A 68 -0.56 -2.72 -17.89
C LYS A 68 0.27 -3.98 -17.69
N ARG A 69 -0.25 -4.90 -16.88
CA ARG A 69 0.44 -6.16 -16.60
C ARG A 69 0.60 -7.02 -17.85
N ALA A 70 -0.51 -7.31 -18.51
CA ALA A 70 -0.50 -8.13 -19.71
C ALA A 70 0.36 -7.49 -20.81
N TYR A 71 0.09 -6.22 -21.10
CA TYR A 71 0.83 -5.47 -22.11
C TYR A 71 2.32 -5.68 -21.91
N ARG A 72 2.75 -5.58 -20.66
CA ARG A 72 4.16 -5.77 -20.31
C ARG A 72 4.58 -7.22 -20.52
N GLU A 73 3.62 -8.15 -20.36
CA GLU A 73 3.92 -9.56 -20.52
C GLU A 73 4.13 -9.90 -21.98
N LEU A 74 3.28 -9.37 -22.85
CA LEU A 74 3.42 -9.63 -24.27
C LEU A 74 4.76 -9.15 -24.78
N VAL A 75 5.01 -7.85 -24.64
CA VAL A 75 6.27 -7.28 -25.10
C VAL A 75 7.48 -8.07 -24.58
N LEU A 76 7.42 -8.50 -23.32
CA LEU A 76 8.52 -9.27 -22.74
C LEU A 76 8.57 -10.59 -23.49
N MET A 77 7.38 -11.09 -23.85
CA MET A 77 7.23 -12.34 -24.58
C MET A 77 7.88 -12.28 -25.95
N LYS A 78 7.64 -11.18 -26.68
CA LYS A 78 8.21 -11.01 -28.02
C LYS A 78 9.73 -10.99 -27.97
N CYS A 79 10.28 -10.19 -27.07
CA CYS A 79 11.71 -10.05 -26.93
C CYS A 79 12.44 -11.06 -26.02
N VAL A 80 11.84 -12.21 -25.79
CA VAL A 80 12.48 -13.22 -24.96
C VAL A 80 12.95 -14.35 -25.87
N ASN A 81 13.75 -15.27 -25.33
CA ASN A 81 14.26 -16.41 -26.07
C ASN A 81 15.38 -17.03 -25.26
N HIS A 82 15.26 -18.33 -24.97
CA HIS A 82 16.26 -19.06 -24.19
C HIS A 82 15.72 -20.48 -23.95
N LYS A 83 16.61 -21.47 -23.92
CA LYS A 83 16.20 -22.87 -23.72
C LYS A 83 15.50 -23.14 -22.39
N ASN A 84 15.66 -22.24 -21.43
CA ASN A 84 15.04 -22.40 -20.12
C ASN A 84 13.90 -21.41 -19.86
N ILE A 85 13.63 -20.55 -20.85
CA ILE A 85 12.56 -19.56 -20.78
C ILE A 85 11.54 -19.79 -21.88
N ILE A 86 10.29 -20.00 -21.52
CA ILE A 86 9.25 -20.24 -22.51
C ILE A 86 9.36 -19.29 -23.70
N GLY A 87 8.97 -19.80 -24.87
CA GLY A 87 9.02 -18.99 -26.07
C GLY A 87 7.64 -18.86 -26.70
N LEU A 88 7.29 -17.63 -27.07
CA LEU A 88 6.00 -17.37 -27.68
C LEU A 88 5.88 -18.10 -29.01
N LEU A 89 4.79 -18.82 -29.17
CA LEU A 89 4.54 -19.56 -30.39
C LEU A 89 3.61 -18.72 -31.26
N ASN A 90 2.61 -18.10 -30.64
CA ASN A 90 1.68 -17.25 -31.39
C ASN A 90 0.71 -16.46 -30.52
N VAL A 91 0.16 -15.40 -31.13
CA VAL A 91 -0.79 -14.52 -30.48
C VAL A 91 -1.87 -14.16 -31.52
N PHE A 92 -3.14 -14.30 -31.14
CA PHE A 92 -4.23 -14.00 -32.06
C PHE A 92 -5.39 -13.32 -31.35
N THR A 93 -6.19 -12.57 -32.11
CA THR A 93 -7.34 -11.89 -31.54
C THR A 93 -8.63 -12.27 -32.25
N PRO A 94 -9.62 -12.69 -31.45
CA PRO A 94 -10.96 -13.10 -31.88
C PRO A 94 -11.86 -11.92 -32.22
N GLN A 95 -11.25 -10.78 -32.53
CA GLN A 95 -12.03 -9.61 -32.87
C GLN A 95 -11.65 -9.08 -34.24
N LYS A 96 -12.48 -8.17 -34.76
CA LYS A 96 -12.29 -7.60 -36.09
C LYS A 96 -11.70 -6.19 -36.09
N SER A 97 -12.43 -5.22 -35.54
CA SER A 97 -11.96 -3.84 -35.51
C SER A 97 -11.53 -3.43 -34.10
N LEU A 98 -10.75 -2.34 -34.03
CA LEU A 98 -10.25 -1.82 -32.76
C LEU A 98 -11.38 -1.57 -31.76
N GLU A 99 -12.61 -1.57 -32.27
CA GLU A 99 -13.77 -1.36 -31.42
C GLU A 99 -14.01 -2.59 -30.58
N GLU A 100 -14.47 -3.65 -31.23
CA GLU A 100 -14.79 -4.91 -30.60
C GLU A 100 -13.67 -5.53 -29.76
N PHE A 101 -12.45 -5.02 -29.90
CA PHE A 101 -11.31 -5.54 -29.15
C PHE A 101 -11.62 -5.69 -27.66
N GLN A 102 -11.42 -6.89 -27.15
CA GLN A 102 -11.65 -7.15 -25.72
C GLN A 102 -11.15 -8.53 -25.31
N ASP A 103 -10.31 -9.13 -26.15
CA ASP A 103 -9.74 -10.44 -25.87
C ASP A 103 -8.46 -10.76 -26.69
N VAL A 104 -7.38 -11.10 -25.98
CA VAL A 104 -6.10 -11.44 -26.61
C VAL A 104 -5.68 -12.84 -26.17
N TYR A 105 -5.64 -13.78 -27.11
CA TYR A 105 -5.27 -15.15 -26.78
C TYR A 105 -3.78 -15.37 -27.02
N ILE A 106 -3.23 -16.42 -26.42
CA ILE A 106 -1.81 -16.73 -26.55
C ILE A 106 -1.48 -18.21 -26.72
N VAL A 107 -0.64 -18.51 -27.72
CA VAL A 107 -0.22 -19.88 -28.01
C VAL A 107 1.14 -20.12 -27.40
N MET A 108 1.50 -21.38 -27.23
CA MET A 108 2.81 -21.75 -26.68
C MET A 108 2.98 -23.24 -26.41
N GLU A 109 4.20 -23.70 -26.70
CA GLU A 109 4.59 -25.10 -26.55
C GLU A 109 4.21 -25.69 -25.20
N LEU A 110 3.38 -26.72 -25.23
CA LEU A 110 2.92 -27.40 -24.04
C LEU A 110 3.99 -28.37 -23.55
N MET A 111 4.44 -28.20 -22.31
CA MET A 111 5.46 -29.08 -21.73
C MET A 111 4.81 -30.31 -21.11
N ASP A 112 5.60 -31.14 -20.43
CA ASP A 112 5.09 -32.37 -19.82
C ASP A 112 4.44 -32.28 -18.45
N ALA A 113 4.61 -31.17 -17.75
CA ALA A 113 4.02 -30.96 -16.41
C ALA A 113 4.75 -29.84 -15.70
N ASN A 114 4.15 -29.31 -14.63
CA ASN A 114 4.80 -28.23 -13.90
C ASN A 114 5.51 -28.73 -12.65
N LEU A 115 6.66 -28.11 -12.37
CA LEU A 115 7.49 -28.45 -11.21
C LEU A 115 6.62 -28.93 -10.06
N CYS A 116 5.45 -28.31 -9.93
CA CYS A 116 4.50 -28.65 -8.88
C CYS A 116 4.12 -30.11 -9.02
N GLN A 117 4.93 -30.83 -9.80
CA GLN A 117 4.74 -32.25 -10.05
C GLN A 117 5.95 -32.97 -9.48
N VAL A 118 7.12 -32.48 -9.85
CA VAL A 118 8.37 -33.05 -9.39
C VAL A 118 8.46 -32.67 -7.93
N ILE A 119 7.79 -31.59 -7.58
CA ILE A 119 7.77 -31.16 -6.21
C ILE A 119 7.46 -32.42 -5.43
N GLN A 120 6.50 -33.21 -5.94
CA GLN A 120 6.08 -34.45 -5.28
C GLN A 120 6.84 -35.71 -5.69
N MET A 121 8.02 -35.50 -6.29
CA MET A 121 8.89 -36.60 -6.72
C MET A 121 10.16 -36.61 -5.90
N GLU A 122 10.83 -37.75 -5.87
CA GLU A 122 12.07 -37.86 -5.12
C GLU A 122 13.26 -37.80 -6.07
N LEU A 123 13.69 -36.59 -6.39
CA LEU A 123 14.82 -36.40 -7.27
C LEU A 123 16.04 -37.15 -6.76
N ASP A 124 17.21 -36.83 -7.31
CA ASP A 124 18.45 -37.47 -6.91
C ASP A 124 19.68 -36.66 -7.32
N HIS A 125 19.66 -35.37 -6.99
CA HIS A 125 20.77 -34.48 -7.31
C HIS A 125 20.82 -34.21 -8.79
N GLU A 126 21.89 -34.67 -9.42
CA GLU A 126 22.11 -34.52 -10.86
C GLU A 126 20.89 -33.89 -11.53
N ARG A 127 19.77 -34.62 -11.49
CA ARG A 127 18.54 -34.12 -12.07
C ARG A 127 18.24 -32.76 -11.43
N MET A 128 17.82 -32.77 -10.17
CA MET A 128 17.54 -31.53 -9.43
C MET A 128 18.68 -30.58 -9.78
N SER A 129 19.89 -31.02 -9.42
CA SER A 129 21.10 -30.26 -9.66
C SER A 129 21.05 -29.56 -11.01
N TYR A 130 20.49 -30.25 -12.00
CA TYR A 130 20.39 -29.71 -13.35
C TYR A 130 19.22 -28.72 -13.55
N LEU A 131 18.06 -29.05 -13.01
CA LEU A 131 16.89 -28.20 -13.12
C LEU A 131 17.22 -26.85 -12.50
N LEU A 132 17.69 -26.89 -11.26
CA LEU A 132 18.06 -25.69 -10.53
C LEU A 132 18.90 -24.84 -11.49
N TYR A 133 19.96 -25.46 -11.99
CA TYR A 133 20.86 -24.83 -12.92
C TYR A 133 20.05 -24.14 -13.99
N GLN A 134 19.18 -24.91 -14.65
CA GLN A 134 18.33 -24.38 -15.70
C GLN A 134 17.50 -23.23 -15.15
N MET A 135 16.67 -23.54 -14.16
CA MET A 135 15.84 -22.51 -13.56
C MET A 135 16.74 -21.31 -13.36
N LEU A 136 17.89 -21.55 -12.73
CA LEU A 136 18.86 -20.49 -12.48
C LEU A 136 19.21 -19.74 -13.76
N CYS A 137 19.45 -20.53 -14.82
CA CYS A 137 19.80 -20.01 -16.14
C CYS A 137 18.71 -19.12 -16.63
N GLY A 138 17.48 -19.61 -16.53
CA GLY A 138 16.35 -18.83 -16.97
C GLY A 138 16.38 -17.46 -16.33
N ILE A 139 16.18 -17.41 -15.02
CA ILE A 139 16.19 -16.13 -14.32
C ILE A 139 17.32 -15.30 -14.93
N LYS A 140 18.55 -15.76 -14.68
CA LYS A 140 19.77 -15.10 -15.17
C LYS A 140 19.53 -14.28 -16.41
N HIS A 141 18.77 -14.85 -17.34
CA HIS A 141 18.48 -14.15 -18.57
C HIS A 141 17.93 -12.78 -18.19
N LEU A 142 16.64 -12.74 -17.90
CA LEU A 142 15.97 -11.50 -17.54
C LEU A 142 16.82 -10.56 -16.69
N HIS A 143 17.48 -11.11 -15.69
CA HIS A 143 18.31 -10.28 -14.83
C HIS A 143 19.34 -9.53 -15.66
N SER A 144 20.13 -10.30 -16.43
CA SER A 144 21.18 -9.77 -17.29
C SER A 144 20.72 -8.73 -18.30
N ALA A 145 19.46 -8.35 -18.23
CA ALA A 145 18.89 -7.35 -19.11
C ALA A 145 18.02 -6.44 -18.25
N GLY A 146 18.25 -6.50 -16.95
CA GLY A 146 17.48 -5.69 -16.03
C GLY A 146 16.02 -6.09 -16.09
N ILE A 147 15.68 -7.23 -15.49
CA ILE A 147 14.31 -7.73 -15.43
C ILE A 147 14.10 -8.66 -14.23
N ILE A 148 12.91 -8.60 -13.66
CA ILE A 148 12.56 -9.38 -12.48
C ILE A 148 11.31 -10.19 -12.75
N HIS A 149 11.30 -11.44 -12.31
CA HIS A 149 10.14 -12.27 -12.54
C HIS A 149 9.10 -12.11 -11.45
N ARG A 150 9.58 -11.84 -10.24
CA ARG A 150 8.75 -11.62 -9.06
C ARG A 150 7.53 -12.54 -9.00
N ASP A 151 7.68 -13.77 -9.48
CA ASP A 151 6.55 -14.70 -9.45
C ASP A 151 7.04 -16.13 -9.68
N LEU A 152 8.33 -16.33 -9.56
CA LEU A 152 8.87 -17.65 -9.74
C LEU A 152 8.28 -18.50 -8.64
N LYS A 153 7.53 -19.52 -9.02
CA LYS A 153 6.92 -20.40 -8.05
C LYS A 153 6.65 -21.70 -8.75
N PRO A 154 6.75 -22.84 -8.04
CA PRO A 154 6.52 -24.18 -8.61
C PRO A 154 5.42 -24.27 -9.65
N SER A 155 4.33 -23.54 -9.42
CA SER A 155 3.18 -23.54 -10.33
C SER A 155 3.61 -23.08 -11.73
N ASN A 156 4.40 -22.00 -11.78
CA ASN A 156 4.90 -21.43 -13.03
C ASN A 156 6.24 -22.00 -13.52
N ILE A 157 6.45 -23.30 -13.29
CA ILE A 157 7.67 -23.95 -13.72
C ILE A 157 7.37 -25.32 -14.30
N VAL A 158 7.46 -25.42 -15.62
CA VAL A 158 7.19 -26.64 -16.36
C VAL A 158 8.44 -27.41 -16.86
N VAL A 159 8.32 -28.73 -16.94
CA VAL A 159 9.42 -29.59 -17.40
C VAL A 159 9.15 -30.23 -18.77
N LYS A 160 9.71 -31.42 -19.01
CA LYS A 160 9.50 -32.12 -20.29
C LYS A 160 10.06 -33.54 -20.35
N SER A 161 9.74 -34.36 -19.35
CA SER A 161 10.18 -35.75 -19.31
C SER A 161 11.68 -36.01 -19.55
N ASP A 162 12.45 -34.95 -19.76
CA ASP A 162 13.87 -35.14 -19.98
C ASP A 162 14.65 -34.01 -19.32
N CYS A 163 14.40 -33.80 -18.03
CA CYS A 163 15.05 -32.77 -17.22
C CYS A 163 15.19 -31.42 -17.87
N THR A 164 14.41 -31.18 -18.93
CA THR A 164 14.46 -29.89 -19.61
C THR A 164 13.51 -29.04 -18.83
N LEU A 165 13.84 -27.77 -18.61
CA LEU A 165 12.97 -26.90 -17.83
C LEU A 165 12.79 -25.51 -18.42
N LYS A 166 11.65 -24.90 -18.13
CA LYS A 166 11.35 -23.57 -18.64
C LYS A 166 10.45 -22.76 -17.72
N ILE A 167 10.82 -21.52 -17.50
CA ILE A 167 10.04 -20.62 -16.67
C ILE A 167 8.91 -20.03 -17.50
N LEU A 168 7.77 -19.77 -16.89
CA LEU A 168 6.65 -19.21 -17.64
C LEU A 168 5.90 -18.11 -16.90
N ASP A 169 5.16 -17.32 -17.67
CA ASP A 169 4.36 -16.18 -17.18
C ASP A 169 5.19 -14.94 -16.90
N PHE A 170 4.84 -13.85 -17.55
CA PHE A 170 5.54 -12.58 -17.38
C PHE A 170 4.48 -11.52 -17.08
N GLY A 171 3.24 -11.99 -16.93
CA GLY A 171 2.13 -11.10 -16.65
C GLY A 171 2.41 -9.95 -15.71
N LEU A 172 3.43 -10.09 -14.87
CA LEU A 172 3.75 -9.03 -13.93
C LEU A 172 5.23 -8.69 -13.88
N ALA A 173 6.07 -9.57 -14.43
CA ALA A 173 7.50 -9.33 -14.45
C ALA A 173 7.82 -7.93 -14.98
N ARG A 174 8.99 -7.42 -14.61
CA ARG A 174 9.47 -6.10 -15.01
C ARG A 174 10.71 -5.75 -14.19
N THR A 175 11.21 -4.52 -14.36
CA THR A 175 12.39 -4.10 -13.61
C THR A 175 12.08 -2.82 -12.84
N ALA A 176 12.81 -2.59 -11.76
CA ALA A 176 12.55 -1.39 -10.98
C ALA A 176 13.70 -0.96 -10.09
N GLY A 177 13.34 -0.67 -8.83
CA GLY A 177 14.30 -0.22 -7.84
C GLY A 177 13.61 0.67 -6.83
N THR A 178 12.73 1.52 -7.33
CA THR A 178 11.96 2.43 -6.49
C THR A 178 10.46 2.15 -6.64
N SER A 179 9.96 1.22 -5.84
CA SER A 179 8.55 0.84 -5.89
C SER A 179 8.13 -0.03 -4.71
N PHE A 180 6.83 -0.06 -4.46
CA PHE A 180 6.26 -0.82 -3.35
C PHE A 180 5.50 -2.05 -3.84
N MET A 181 4.18 -1.93 -3.89
CA MET A 181 3.30 -3.00 -4.33
C MET A 181 1.85 -2.63 -3.98
N MET A 182 1.57 -2.59 -2.67
CA MET A 182 0.23 -2.29 -2.14
C MET A 182 -0.78 -3.18 -2.82
N GLU A 183 -0.27 -4.17 -3.55
CA GLU A 183 -1.07 -5.13 -4.27
C GLU A 183 -0.35 -6.47 -4.32
N PRO A 184 0.29 -6.89 -3.21
CA PRO A 184 0.98 -8.18 -3.25
C PRO A 184 -0.10 -9.25 -3.32
N GLU A 185 -1.33 -8.79 -3.52
CA GLU A 185 -2.49 -9.66 -3.65
C GLU A 185 -2.45 -10.18 -5.08
N VAL A 186 -1.25 -10.47 -5.54
CA VAL A 186 -1.03 -10.95 -6.89
C VAL A 186 0.14 -11.94 -6.94
N VAL A 187 1.27 -11.52 -6.35
CA VAL A 187 2.47 -12.36 -6.33
C VAL A 187 2.44 -13.44 -5.26
N THR A 188 1.63 -14.46 -5.50
CA THR A 188 1.47 -15.62 -4.60
C THR A 188 2.49 -15.62 -3.45
N ARG A 189 1.99 -15.33 -2.24
CA ARG A 189 2.79 -15.20 -1.03
C ARG A 189 3.60 -16.36 -0.44
N TYR A 190 3.12 -17.60 -0.59
CA TYR A 190 3.88 -18.72 -0.05
C TYR A 190 5.35 -18.58 -0.49
N TYR A 191 5.55 -17.86 -1.61
CA TYR A 191 6.88 -17.62 -2.16
C TYR A 191 7.10 -16.13 -2.36
N ARG A 192 6.63 -15.35 -1.41
CA ARG A 192 6.76 -13.89 -1.48
C ARG A 192 7.97 -13.49 -0.66
N ALA A 193 8.86 -12.70 -1.25
CA ALA A 193 10.07 -12.29 -0.54
C ALA A 193 9.83 -11.15 0.44
N PRO A 194 10.76 -10.98 1.41
CA PRO A 194 10.70 -9.95 2.44
C PRO A 194 10.64 -8.57 1.87
N GLU A 195 11.58 -8.24 0.98
CA GLU A 195 11.55 -6.93 0.38
C GLU A 195 10.15 -6.72 -0.21
N VAL A 196 9.49 -7.83 -0.56
CA VAL A 196 8.14 -7.78 -1.14
C VAL A 196 7.10 -7.53 -0.06
N ILE A 197 6.99 -8.49 0.85
CA ILE A 197 6.06 -8.47 1.98
C ILE A 197 5.98 -7.13 2.68
N LEU A 198 7.14 -6.65 3.13
CA LEU A 198 7.24 -5.40 3.87
C LEU A 198 7.22 -4.08 3.11
N GLY A 199 6.79 -4.07 1.86
CA GLY A 199 6.76 -2.81 1.14
C GLY A 199 8.12 -2.10 1.11
N MET A 200 9.16 -2.93 1.12
CA MET A 200 10.55 -2.48 1.08
C MET A 200 10.93 -2.37 -0.39
N GLY A 201 12.01 -1.67 -0.69
CA GLY A 201 12.45 -1.54 -2.07
C GLY A 201 12.91 -2.89 -2.58
N TYR A 202 12.98 -3.07 -3.89
CA TYR A 202 13.42 -4.35 -4.41
C TYR A 202 14.35 -4.23 -5.62
N LYS A 203 15.58 -4.71 -5.46
CA LYS A 203 16.55 -4.65 -6.53
C LYS A 203 16.09 -5.51 -7.70
N GLU A 204 16.50 -6.78 -7.72
CA GLU A 204 16.12 -7.70 -8.78
C GLU A 204 16.60 -9.13 -8.51
N ASN A 205 16.94 -9.40 -7.26
CA ASN A 205 17.40 -10.73 -6.87
C ASN A 205 16.29 -11.39 -6.09
N VAL A 206 15.30 -10.57 -5.71
CA VAL A 206 14.14 -11.07 -4.97
C VAL A 206 13.73 -12.39 -5.63
N ASP A 207 14.00 -12.49 -6.93
CA ASP A 207 13.69 -13.67 -7.70
C ASP A 207 14.32 -14.89 -7.04
N LEU A 208 15.59 -14.77 -6.68
CA LEU A 208 16.25 -15.89 -6.06
C LEU A 208 15.49 -16.36 -4.82
N TRP A 209 15.05 -15.42 -3.99
CA TRP A 209 14.30 -15.79 -2.79
C TRP A 209 13.39 -16.91 -3.20
N SER A 210 12.45 -16.56 -4.07
CA SER A 210 11.50 -17.54 -4.57
C SER A 210 12.28 -18.84 -4.77
N VAL A 211 13.19 -18.80 -5.73
CA VAL A 211 14.03 -19.94 -6.07
C VAL A 211 14.46 -20.76 -4.86
N GLY A 212 14.61 -20.10 -3.72
CA GLY A 212 15.00 -20.83 -2.53
C GLY A 212 13.82 -21.62 -2.04
N CYS A 213 12.78 -20.87 -1.69
CA CYS A 213 11.53 -21.43 -1.19
C CYS A 213 11.22 -22.58 -2.12
N ILE A 214 11.73 -22.48 -3.34
CA ILE A 214 11.51 -23.52 -4.31
C ILE A 214 12.33 -24.72 -3.90
N MET A 215 13.64 -24.55 -3.87
CA MET A 215 14.49 -25.66 -3.49
C MET A 215 13.92 -26.29 -2.25
N GLY A 216 13.53 -25.42 -1.32
CA GLY A 216 12.96 -25.90 -0.08
C GLY A 216 11.82 -26.81 -0.41
N GLU A 217 10.98 -26.38 -1.33
CA GLU A 217 9.84 -27.17 -1.72
C GLU A 217 10.24 -28.47 -2.41
N MET A 218 11.43 -28.47 -3.03
CA MET A 218 11.89 -29.66 -3.73
C MET A 218 12.58 -30.68 -2.83
N VAL A 219 12.90 -30.26 -1.62
CA VAL A 219 13.60 -31.16 -0.72
C VAL A 219 12.79 -31.53 0.52
N CYS A 220 11.84 -30.68 0.89
CA CYS A 220 11.01 -30.95 2.06
C CYS A 220 9.67 -31.54 1.62
N HIS A 221 9.23 -31.17 0.43
CA HIS A 221 7.97 -31.66 -0.15
C HIS A 221 6.78 -30.86 0.36
N LYS A 222 6.99 -30.12 1.44
CA LYS A 222 5.97 -29.26 2.00
C LYS A 222 6.36 -27.85 1.56
N ILE A 223 5.41 -26.93 1.55
CA ILE A 223 5.72 -25.56 1.19
C ILE A 223 6.75 -25.15 2.23
N LEU A 224 7.32 -23.96 2.10
CA LEU A 224 8.34 -23.55 3.06
C LEU A 224 7.86 -22.58 4.13
N PHE A 225 7.11 -21.56 3.71
CA PHE A 225 6.61 -20.55 4.63
C PHE A 225 5.09 -20.35 4.53
N PRO A 226 4.30 -21.27 5.10
CA PRO A 226 2.83 -21.29 5.13
C PRO A 226 2.16 -19.98 5.50
N GLY A 227 1.51 -19.33 4.52
CA GLY A 227 0.85 -18.06 4.78
C GLY A 227 -0.64 -18.13 5.06
N ARG A 228 -1.07 -17.48 6.14
CA ARG A 228 -2.47 -17.46 6.52
C ARG A 228 -3.09 -16.10 6.21
N ASP A 229 -2.25 -15.15 5.81
CA ASP A 229 -2.60 -13.78 5.44
C ASP A 229 -1.22 -13.14 5.32
N TYR A 230 -1.00 -12.21 4.39
CA TYR A 230 0.35 -11.67 4.23
C TYR A 230 1.01 -11.41 5.56
N ILE A 231 0.26 -10.79 6.45
CA ILE A 231 0.74 -10.46 7.78
C ILE A 231 1.32 -11.65 8.54
N ASP A 232 0.74 -12.83 8.40
CA ASP A 232 1.28 -13.98 9.10
C ASP A 232 2.44 -14.59 8.32
N GLN A 233 2.55 -14.23 7.05
CA GLN A 233 3.65 -14.79 6.24
C GLN A 233 4.93 -14.58 7.04
N TRP A 234 5.28 -13.31 7.18
CA TRP A 234 6.46 -12.91 7.92
C TRP A 234 6.59 -13.84 9.13
N ASN A 235 5.69 -13.70 10.08
CA ASN A 235 5.71 -14.54 11.27
C ASN A 235 6.17 -15.97 11.03
N LYS A 236 5.81 -16.56 9.90
CA LYS A 236 6.20 -17.95 9.68
C LYS A 236 7.60 -18.13 9.11
N VAL A 237 8.16 -17.06 8.56
CA VAL A 237 9.49 -17.08 7.98
C VAL A 237 10.54 -16.67 9.01
N ILE A 238 10.32 -15.54 9.65
CA ILE A 238 11.26 -15.08 10.66
C ILE A 238 11.27 -16.16 11.70
N GLU A 239 10.12 -16.80 11.87
CA GLU A 239 10.05 -17.88 12.82
C GLU A 239 11.04 -18.97 12.42
N GLN A 240 11.35 -19.06 11.13
CA GLN A 240 12.26 -20.11 10.64
C GLN A 240 13.64 -19.63 10.21
N LEU A 241 13.91 -18.34 10.35
CA LEU A 241 15.21 -17.80 9.94
C LEU A 241 15.78 -16.79 10.92
N GLY A 242 15.31 -16.85 12.17
CA GLY A 242 15.78 -15.92 13.19
C GLY A 242 15.35 -14.51 12.87
N THR A 243 15.28 -13.64 13.87
CA THR A 243 14.87 -12.28 13.60
C THR A 243 16.00 -11.49 12.99
N PRO A 244 15.71 -10.86 11.85
CA PRO A 244 16.62 -10.04 11.04
C PRO A 244 17.41 -9.05 11.87
N CYS A 245 18.64 -8.80 11.43
CA CYS A 245 19.56 -7.88 12.10
C CYS A 245 19.14 -6.43 12.02
N PRO A 246 19.52 -5.65 13.03
CA PRO A 246 19.22 -4.23 13.17
C PRO A 246 19.71 -3.44 11.95
N GLU A 247 20.66 -4.00 11.24
CA GLU A 247 21.17 -3.35 10.04
C GLU A 247 19.98 -3.43 9.09
N PHE A 248 19.32 -4.60 9.07
CA PHE A 248 18.16 -4.83 8.22
C PHE A 248 17.04 -3.93 8.65
N MET A 249 16.75 -3.98 9.95
CA MET A 249 15.69 -3.18 10.52
C MET A 249 15.75 -1.73 10.04
N LYS A 250 16.87 -1.08 10.34
CA LYS A 250 17.07 0.31 9.95
C LYS A 250 16.65 0.54 8.50
N LYS A 251 16.66 -0.53 7.71
CA LYS A 251 16.32 -0.40 6.29
C LYS A 251 14.87 -0.15 5.95
N LEU A 252 13.96 -0.72 6.74
CA LEU A 252 12.52 -0.60 6.50
C LEU A 252 11.87 0.78 6.58
N GLN A 253 10.73 0.93 5.91
CA GLN A 253 10.03 2.21 5.91
C GLN A 253 9.77 2.56 7.36
N PRO A 254 9.28 3.80 7.64
CA PRO A 254 9.03 4.19 9.03
C PRO A 254 8.09 3.28 9.81
N THR A 255 6.86 3.19 9.29
CA THR A 255 5.79 2.41 9.92
C THR A 255 6.03 0.92 10.06
N VAL A 256 6.23 0.24 8.94
CA VAL A 256 6.46 -1.20 8.96
C VAL A 256 7.48 -1.56 10.05
N ARG A 257 8.38 -0.62 10.34
CA ARG A 257 9.41 -0.84 11.35
C ARG A 257 8.83 -1.28 12.67
N THR A 258 8.17 -0.34 13.35
CA THR A 258 7.56 -0.59 14.65
C THR A 258 6.96 -1.96 14.70
N TYR A 259 6.02 -2.23 13.80
CA TYR A 259 5.43 -3.55 13.79
C TYR A 259 6.56 -4.58 13.76
N VAL A 260 7.35 -4.52 12.70
CA VAL A 260 8.47 -5.44 12.50
C VAL A 260 9.40 -5.65 13.69
N GLU A 261 9.56 -4.60 14.51
CA GLU A 261 10.42 -4.70 15.68
C GLU A 261 9.62 -5.31 16.81
N ASN A 262 8.37 -4.87 16.93
CA ASN A 262 7.47 -5.33 17.97
C ASN A 262 7.22 -6.82 17.94
N ARG A 263 7.71 -7.47 16.90
CA ARG A 263 7.54 -8.91 16.77
C ARG A 263 8.11 -9.66 17.96
N PRO A 264 7.86 -10.97 18.03
CA PRO A 264 8.35 -11.77 19.14
C PRO A 264 9.76 -12.38 19.12
N LYS A 265 10.74 -11.61 18.63
CA LYS A 265 12.14 -12.04 18.59
C LYS A 265 12.29 -13.54 18.45
N TYR A 266 12.74 -13.99 17.28
CA TYR A 266 12.87 -15.42 17.03
C TYR A 266 14.26 -16.01 16.94
N ALA A 267 14.36 -17.19 17.55
CA ALA A 267 15.58 -17.99 17.63
C ALA A 267 16.24 -18.13 16.25
N GLY A 268 15.48 -18.62 15.28
CA GLY A 268 16.02 -18.85 13.96
C GLY A 268 16.56 -20.26 14.02
N TYR A 269 16.77 -20.89 12.87
CA TYR A 269 17.29 -22.26 12.87
C TYR A 269 18.55 -22.48 12.03
N SER A 270 19.33 -23.47 12.44
CA SER A 270 20.56 -23.86 11.76
C SER A 270 20.09 -24.70 10.59
N PHE A 271 20.57 -24.42 9.38
CA PHE A 271 20.12 -25.20 8.22
C PHE A 271 20.53 -26.65 8.30
N GLU A 272 21.47 -26.96 9.20
CA GLU A 272 21.86 -28.34 9.37
C GLU A 272 20.61 -28.95 10.00
N LYS A 273 19.84 -28.10 10.67
CA LYS A 273 18.60 -28.49 11.35
C LYS A 273 17.34 -28.20 10.48
N LEU A 274 17.35 -27.12 9.73
CA LEU A 274 16.20 -26.83 8.86
C LEU A 274 16.13 -27.91 7.77
N PHE A 275 17.28 -28.31 7.27
CA PHE A 275 17.36 -29.32 6.23
C PHE A 275 18.41 -30.36 6.62
N PRO A 276 18.01 -31.34 7.45
CA PRO A 276 18.91 -32.40 7.90
C PRO A 276 19.24 -33.28 6.70
N ASP A 277 20.38 -33.96 6.77
CA ASP A 277 20.82 -34.81 5.68
C ASP A 277 19.69 -35.53 4.98
N VAL A 278 19.02 -36.44 5.67
CA VAL A 278 17.93 -37.20 5.07
C VAL A 278 17.05 -36.49 4.05
N LEU A 279 16.64 -35.26 4.33
CA LEU A 279 15.79 -34.53 3.39
C LEU A 279 16.45 -34.30 2.03
N PHE A 280 17.73 -34.65 1.93
CA PHE A 280 18.48 -34.49 0.71
C PHE A 280 18.72 -35.82 0.03
N PRO A 281 18.49 -35.87 -1.30
CA PRO A 281 18.67 -37.07 -2.12
C PRO A 281 19.89 -37.89 -1.70
N ALA A 282 19.77 -39.20 -1.76
CA ALA A 282 20.88 -40.08 -1.39
C ALA A 282 22.19 -39.46 -1.87
N ASP A 283 23.21 -39.49 -1.02
CA ASP A 283 24.48 -38.89 -1.38
C ASP A 283 25.28 -39.66 -2.43
N SER A 284 24.60 -40.07 -3.51
CA SER A 284 25.26 -40.79 -4.60
C SER A 284 26.24 -39.79 -5.19
N GLU A 285 27.40 -39.71 -4.56
CA GLU A 285 28.42 -38.78 -5.01
C GLU A 285 29.05 -39.10 -6.35
N HIS A 286 28.99 -38.14 -7.25
CA HIS A 286 29.59 -38.28 -8.56
C HIS A 286 30.37 -37.01 -8.87
N ASN A 287 30.66 -36.25 -7.82
CA ASN A 287 31.43 -35.00 -7.92
C ASN A 287 31.21 -34.08 -6.72
N LYS A 288 31.15 -32.78 -6.97
CA LYS A 288 30.95 -31.76 -5.94
C LYS A 288 29.51 -31.84 -5.46
N LEU A 289 28.83 -32.94 -5.81
CA LEU A 289 27.43 -33.13 -5.43
C LEU A 289 27.25 -33.96 -4.16
N LYS A 290 27.03 -33.27 -3.04
CA LYS A 290 26.84 -33.92 -1.75
C LYS A 290 25.77 -33.15 -0.99
N ALA A 291 25.10 -33.83 -0.07
CA ALA A 291 24.06 -33.19 0.73
C ALA A 291 24.41 -31.75 1.15
N SER A 292 25.40 -31.63 2.04
CA SER A 292 25.84 -30.34 2.54
C SER A 292 25.98 -29.25 1.48
N GLN A 293 25.89 -29.63 0.22
CA GLN A 293 26.04 -28.67 -0.87
C GLN A 293 24.75 -27.89 -1.16
N ALA A 294 23.65 -28.60 -1.38
CA ALA A 294 22.38 -27.93 -1.67
C ALA A 294 22.06 -27.02 -0.51
N ARG A 295 22.15 -27.59 0.69
CA ARG A 295 21.91 -26.85 1.92
C ARG A 295 22.78 -25.60 1.90
N ASP A 296 24.09 -25.80 1.85
CA ASP A 296 25.02 -24.68 1.81
C ASP A 296 24.48 -23.63 0.84
N LEU A 297 24.06 -24.07 -0.33
CA LEU A 297 23.52 -23.13 -1.30
C LEU A 297 22.34 -22.38 -0.68
N LEU A 298 21.30 -23.15 -0.32
CA LEU A 298 20.11 -22.56 0.26
C LEU A 298 20.44 -21.43 1.20
N SER A 299 21.19 -21.73 2.26
CA SER A 299 21.56 -20.73 3.26
C SER A 299 22.15 -19.47 2.64
N LYS A 300 22.36 -19.49 1.32
CA LYS A 300 22.89 -18.34 0.62
C LYS A 300 21.73 -17.66 -0.09
N MET A 301 20.63 -18.40 -0.25
CA MET A 301 19.40 -17.92 -0.90
C MET A 301 18.32 -17.55 0.12
N LEU A 302 17.89 -18.54 0.89
CA LEU A 302 16.87 -18.36 1.94
C LEU A 302 17.30 -17.32 2.93
N VAL A 303 17.35 -16.06 2.51
CA VAL A 303 17.75 -15.00 3.42
C VAL A 303 16.96 -13.70 3.31
N ILE A 304 16.60 -13.19 4.48
CA ILE A 304 15.80 -11.98 4.66
C ILE A 304 16.40 -10.69 4.17
N ASP A 305 17.49 -10.27 4.79
CA ASP A 305 18.13 -9.04 4.36
C ASP A 305 18.11 -9.21 2.86
N ALA A 306 17.81 -8.14 2.12
CA ALA A 306 17.75 -8.23 0.66
C ALA A 306 19.13 -8.10 0.02
N SER A 307 20.07 -7.54 0.77
CA SER A 307 21.42 -7.33 0.27
C SER A 307 22.40 -8.46 0.59
N LYS A 308 22.16 -9.21 1.66
CA LYS A 308 23.06 -10.30 2.03
C LYS A 308 22.65 -11.65 1.41
N ARG A 309 21.69 -11.60 0.49
CA ARG A 309 21.24 -12.83 -0.15
C ARG A 309 21.90 -12.94 -1.50
N ILE A 310 22.49 -14.10 -1.75
CA ILE A 310 23.19 -14.46 -2.99
C ILE A 310 22.58 -13.86 -4.26
N SER A 311 23.04 -14.30 -5.43
CA SER A 311 22.51 -13.82 -6.70
C SER A 311 22.66 -14.80 -7.84
N VAL A 312 22.03 -14.48 -8.96
CA VAL A 312 22.07 -15.30 -10.17
C VAL A 312 23.51 -15.53 -10.59
N ASP A 313 24.19 -14.44 -10.94
CA ASP A 313 25.58 -14.51 -11.35
C ASP A 313 26.36 -15.39 -10.38
N GLU A 314 26.36 -15.03 -9.11
CA GLU A 314 27.08 -15.82 -8.11
C GLU A 314 26.51 -17.23 -8.03
N ALA A 315 25.21 -17.35 -8.25
CA ALA A 315 24.51 -18.63 -8.18
C ALA A 315 25.12 -19.70 -9.09
N LEU A 316 24.87 -19.55 -10.39
CA LEU A 316 25.38 -20.47 -11.39
C LEU A 316 26.78 -20.90 -11.04
N GLN A 317 27.66 -19.91 -10.88
CA GLN A 317 29.06 -20.17 -10.53
C GLN A 317 29.20 -20.62 -9.09
N HIS A 318 28.41 -21.62 -8.69
CA HIS A 318 28.48 -22.16 -7.31
C HIS A 318 28.24 -23.66 -7.25
N PRO A 319 29.23 -24.40 -6.76
CA PRO A 319 29.38 -25.84 -6.54
C PRO A 319 28.22 -26.83 -6.76
N TYR A 320 27.01 -26.50 -6.32
CA TYR A 320 25.88 -27.41 -6.53
C TYR A 320 25.28 -27.11 -7.89
N ILE A 321 25.85 -26.11 -8.56
CA ILE A 321 25.38 -25.69 -9.87
C ILE A 321 26.55 -25.83 -10.82
N ASN A 322 27.67 -25.23 -10.43
CA ASN A 322 28.92 -25.23 -11.19
C ASN A 322 28.95 -26.23 -12.34
N VAL A 323 29.22 -27.49 -12.02
CA VAL A 323 29.30 -28.56 -13.02
C VAL A 323 28.93 -28.15 -14.44
N TRP A 324 27.68 -28.42 -14.81
CA TRP A 324 27.21 -28.10 -16.14
C TRP A 324 27.02 -26.61 -16.41
N TYR A 325 28.05 -25.83 -16.18
CA TYR A 325 27.94 -24.42 -16.44
C TYR A 325 28.37 -24.18 -17.88
N ASP A 326 27.51 -24.51 -18.84
CA ASP A 326 27.85 -24.32 -20.25
C ASP A 326 27.52 -22.92 -20.75
N PRO A 327 28.53 -22.03 -20.80
CA PRO A 327 28.39 -20.64 -21.25
C PRO A 327 27.50 -20.46 -22.47
N SER A 328 27.37 -21.51 -23.28
CA SER A 328 26.54 -21.47 -24.46
C SER A 328 25.10 -21.04 -24.08
N GLU A 329 24.74 -21.25 -22.82
CA GLU A 329 23.39 -20.95 -22.33
C GLU A 329 23.32 -20.25 -20.97
N ALA A 330 24.46 -19.76 -20.51
CA ALA A 330 24.50 -19.09 -19.23
C ALA A 330 24.99 -17.66 -19.43
N GLU A 331 25.88 -17.50 -20.41
CA GLU A 331 26.44 -16.22 -20.78
C GLU A 331 25.61 -15.75 -21.96
N ALA A 332 24.37 -16.19 -21.99
CA ALA A 332 23.45 -15.85 -23.05
C ALA A 332 23.35 -14.36 -23.29
N PRO A 333 23.27 -13.97 -24.57
CA PRO A 333 23.18 -12.56 -24.93
C PRO A 333 21.83 -12.08 -24.41
N PRO A 334 21.84 -11.31 -23.32
CA PRO A 334 20.57 -10.82 -22.77
C PRO A 334 19.68 -10.14 -23.82
N PRO A 335 18.36 -10.36 -23.74
CA PRO A 335 17.38 -9.77 -24.66
C PRO A 335 17.19 -8.28 -24.37
N LYS A 336 16.78 -7.51 -25.37
CA LYS A 336 16.56 -6.09 -25.15
C LYS A 336 15.14 -5.73 -25.54
N ILE A 337 14.84 -4.44 -25.50
CA ILE A 337 13.51 -3.95 -25.82
C ILE A 337 13.63 -2.59 -26.50
N PRO A 338 12.49 -1.98 -26.87
CA PRO A 338 12.50 -0.67 -27.53
C PRO A 338 12.72 0.46 -26.53
N ASP A 339 11.61 1.03 -26.06
CA ASP A 339 11.63 2.13 -25.10
C ASP A 339 10.23 2.35 -24.56
N LYS A 340 9.35 1.36 -24.76
CA LYS A 340 7.97 1.43 -24.32
C LYS A 340 7.84 1.02 -22.85
N GLN A 341 8.95 0.57 -22.27
CA GLN A 341 8.97 0.13 -20.89
C GLN A 341 9.68 1.08 -19.94
N LEU A 342 8.98 1.44 -18.86
CA LEU A 342 9.51 2.32 -17.84
C LEU A 342 9.08 1.72 -16.50
N ASP A 343 7.89 1.09 -16.51
CA ASP A 343 7.30 0.41 -15.36
C ASP A 343 6.54 1.25 -14.30
N GLU A 344 7.18 2.26 -13.72
CA GLU A 344 6.53 3.08 -12.71
C GLU A 344 5.56 4.12 -13.28
N ARG A 345 5.54 4.23 -14.61
CA ARG A 345 4.66 5.18 -15.31
C ARG A 345 3.50 4.43 -15.95
N GLU A 346 2.62 5.16 -16.64
CA GLU A 346 1.48 4.54 -17.31
C GLU A 346 0.64 5.48 -18.17
N HIS A 347 -0.17 4.89 -19.04
CA HIS A 347 -1.04 5.64 -19.94
C HIS A 347 -2.52 5.39 -19.67
N THR A 348 -3.37 6.09 -20.42
CA THR A 348 -4.81 5.99 -20.29
C THR A 348 -5.35 4.58 -20.11
N ILE A 349 -6.59 4.48 -19.68
CA ILE A 349 -7.25 3.20 -19.47
C ILE A 349 -7.99 2.82 -20.76
N GLU A 350 -7.64 3.50 -21.84
CA GLU A 350 -8.25 3.25 -23.15
C GLU A 350 -7.18 3.03 -24.22
N GLU A 351 -6.26 3.97 -24.37
CA GLU A 351 -5.20 3.82 -25.38
C GLU A 351 -4.34 2.62 -25.01
N TRP A 352 -4.43 2.19 -23.75
CA TRP A 352 -3.69 1.04 -23.28
C TRP A 352 -4.13 -0.09 -24.20
N LYS A 353 -5.45 -0.16 -24.39
CA LYS A 353 -6.09 -1.15 -25.24
C LYS A 353 -5.46 -1.16 -26.63
N GLU A 354 -5.31 0.01 -27.24
CA GLU A 354 -4.72 0.14 -28.57
C GLU A 354 -3.27 -0.36 -28.64
N LEU A 355 -2.42 0.12 -27.74
CA LEU A 355 -1.04 -0.31 -27.73
C LEU A 355 -1.02 -1.83 -27.69
N ILE A 356 -2.08 -2.42 -27.14
CA ILE A 356 -2.17 -3.87 -27.06
C ILE A 356 -2.50 -4.40 -28.45
N TYR A 357 -3.40 -3.70 -29.13
CA TYR A 357 -3.80 -4.07 -30.49
C TYR A 357 -2.57 -3.92 -31.38
N LYS A 358 -1.71 -2.97 -31.02
CA LYS A 358 -0.48 -2.71 -31.77
C LYS A 358 0.35 -3.99 -31.80
N GLU A 359 -0.08 -5.00 -31.03
CA GLU A 359 0.60 -6.29 -30.97
C GLU A 359 -0.09 -7.40 -31.75
N VAL A 360 -1.21 -7.88 -31.21
CA VAL A 360 -1.98 -8.94 -31.84
C VAL A 360 -1.99 -8.84 -33.37
N MET A 361 -2.03 -7.62 -33.89
CA MET A 361 -2.03 -7.40 -35.34
C MET A 361 -0.65 -7.64 -35.92
N ASP A 362 0.34 -6.98 -35.32
CA ASP A 362 1.71 -7.12 -35.79
C ASP A 362 2.12 -8.58 -35.78
N LEU A 363 1.86 -9.26 -34.66
CA LEU A 363 2.20 -10.67 -34.53
C LEU A 363 1.17 -11.61 -35.17
N GLU A 364 1.32 -11.80 -36.49
CA GLU A 364 0.42 -12.68 -37.24
C GLU A 364 0.87 -12.82 -38.70
N HIS A 365 0.92 -11.79 -39.40
N PRO B 2 31.66 -34.86 -16.58
CA PRO B 2 30.60 -35.72 -16.00
C PRO B 2 29.62 -36.14 -17.10
N LYS B 3 28.36 -35.75 -16.90
CA LYS B 3 27.28 -36.09 -17.81
C LYS B 3 26.16 -35.16 -17.39
N ARG B 4 24.99 -35.37 -18.00
CA ARG B 4 23.80 -34.60 -17.69
C ARG B 4 22.65 -35.60 -17.72
N PRO B 5 21.67 -35.43 -16.84
CA PRO B 5 20.55 -36.38 -16.87
C PRO B 5 19.87 -36.23 -18.23
N THR B 6 19.12 -37.23 -18.64
CA THR B 6 18.46 -37.12 -19.94
C THR B 6 16.99 -37.45 -19.84
N THR B 7 16.67 -38.27 -18.84
CA THR B 7 15.30 -38.70 -18.62
C THR B 7 14.73 -38.14 -17.32
N LEU B 8 13.40 -38.05 -17.25
CA LEU B 8 12.74 -37.56 -16.04
C LEU B 8 11.33 -38.22 -15.92
N ASN B 9 11.27 -39.35 -15.21
CA ASN B 9 10.04 -40.12 -15.04
C ASN B 9 8.89 -39.41 -14.32
N LEU B 10 8.13 -38.62 -15.06
CA LEU B 10 6.99 -37.88 -14.50
C LEU B 10 5.80 -38.82 -14.26
N PHE B 11 4.74 -38.33 -13.85
N ASN C 9 15.60 42.23 3.57
CA ASN C 9 14.36 41.52 3.13
C ASN C 9 13.81 40.54 4.17
N PHE C 10 14.40 39.34 4.25
CA PHE C 10 14.00 38.30 5.20
C PHE C 10 15.15 38.10 6.19
N TYR C 11 14.95 37.23 7.18
CA TYR C 11 16.01 36.93 8.14
C TYR C 11 15.93 35.47 8.57
N SER C 12 17.04 34.93 9.06
CA SER C 12 17.07 33.53 9.46
C SER C 12 17.13 33.25 10.96
N VAL C 13 16.86 31.99 11.33
CA VAL C 13 16.87 31.57 12.73
C VAL C 13 17.29 30.11 12.92
N GLU C 14 18.00 29.87 14.01
CA GLU C 14 18.50 28.54 14.37
C GLU C 14 17.44 27.75 15.14
N ILE C 15 16.98 26.65 14.56
CA ILE C 15 15.96 25.84 15.21
C ILE C 15 16.40 24.41 15.49
N GLY C 16 17.70 24.23 15.71
CA GLY C 16 18.23 22.90 15.99
C GLY C 16 18.31 22.03 14.75
N ASP C 17 17.19 21.96 14.03
CA ASP C 17 17.10 21.16 12.81
C ASP C 17 17.14 22.08 11.60
N SER C 18 16.22 21.86 10.65
CA SER C 18 16.15 22.65 9.44
C SER C 18 16.20 24.15 9.76
N THR C 19 16.18 24.96 8.71
CA THR C 19 16.24 26.40 8.85
C THR C 19 14.86 27.05 8.75
N PHE C 20 14.66 28.12 9.53
CA PHE C 20 13.41 28.85 9.55
C PHE C 20 13.72 30.24 8.99
N THR C 21 13.12 30.56 7.84
CA THR C 21 13.35 31.86 7.20
C THR C 21 12.04 32.66 7.10
N VAL C 22 11.76 33.46 8.11
CA VAL C 22 10.54 34.25 8.12
C VAL C 22 10.74 35.62 7.48
N LEU C 23 9.64 36.19 7.00
CA LEU C 23 9.68 37.51 6.40
C LEU C 23 10.04 38.42 7.58
N LYS C 24 11.23 39.01 7.52
CA LYS C 24 11.73 39.89 8.58
C LYS C 24 10.68 40.88 9.10
N ARG C 25 9.78 40.38 9.92
CA ARG C 25 8.71 41.19 10.49
C ARG C 25 8.05 40.43 11.62
N TYR C 26 8.38 39.15 11.72
CA TYR C 26 7.77 38.34 12.76
C TYR C 26 8.75 38.11 13.90
N GLN C 27 9.45 39.19 14.27
CA GLN C 27 10.41 39.14 15.36
C GLN C 27 9.95 38.17 16.43
N ASN C 28 10.91 37.42 16.97
CA ASN C 28 10.66 36.42 18.02
C ASN C 28 10.11 35.15 17.41
N LEU C 29 10.82 34.04 17.59
CA LEU C 29 10.40 32.75 17.05
C LEU C 29 9.94 31.80 18.14
N LYS C 30 10.87 31.26 18.91
CA LYS C 30 10.52 30.33 19.98
C LYS C 30 9.75 29.15 19.40
N PRO C 31 10.45 28.11 18.94
CA PRO C 31 9.82 26.92 18.36
C PRO C 31 8.72 26.47 19.27
N ILE C 32 7.54 26.30 18.70
CA ILE C 32 6.36 25.88 19.46
C ILE C 32 5.97 24.42 19.15
N GLY C 33 6.29 23.97 17.94
CA GLY C 33 5.99 22.61 17.53
C GLY C 33 6.22 22.32 16.04
N SER C 34 6.03 21.06 15.67
CA SER C 34 6.18 20.60 14.28
C SER C 34 4.92 19.83 13.90
N GLY C 35 4.29 20.24 12.81
CA GLY C 35 3.06 19.60 12.37
C GLY C 35 3.16 18.69 11.15
N ALA C 36 2.01 18.45 10.53
CA ALA C 36 1.91 17.60 9.36
C ALA C 36 2.95 17.90 8.28
N GLN C 37 2.53 18.66 7.28
CA GLN C 37 3.39 19.01 6.15
C GLN C 37 4.40 20.12 6.44
N GLY C 38 4.59 20.46 7.72
CA GLY C 38 5.54 21.51 8.03
C GLY C 38 5.93 21.71 9.48
N ILE C 39 6.60 22.83 9.73
CA ILE C 39 7.07 23.23 11.06
C ILE C 39 6.31 24.49 11.46
N VAL C 40 5.77 24.51 12.66
CA VAL C 40 5.01 25.67 13.12
C VAL C 40 5.67 26.31 14.32
N CYS C 41 5.88 27.63 14.24
CA CYS C 41 6.48 28.36 15.34
C CYS C 41 5.55 29.54 15.63
N ALA C 42 5.53 30.00 16.88
CA ALA C 42 4.66 31.10 17.28
C ALA C 42 5.35 32.43 17.43
N ALA C 43 5.59 33.09 16.30
CA ALA C 43 6.27 34.38 16.33
C ALA C 43 5.30 35.52 16.65
N TYR C 44 5.83 36.75 16.61
CA TYR C 44 5.03 37.93 16.89
C TYR C 44 5.01 38.92 15.75
N ASP C 45 3.84 39.10 15.17
CA ASP C 45 3.67 40.02 14.06
C ASP C 45 3.38 41.35 14.72
N ALA C 46 4.33 42.28 14.59
CA ALA C 46 4.21 43.61 15.19
C ALA C 46 3.61 44.61 14.21
N ILE C 47 3.69 44.29 12.92
CA ILE C 47 3.14 45.17 11.88
C ILE C 47 1.62 45.03 11.86
N LEU C 48 1.14 43.89 12.33
CA LEU C 48 -0.28 43.62 12.40
C LEU C 48 -0.70 43.87 13.85
N GLU C 49 0.22 43.53 14.76
CA GLU C 49 0.07 43.70 16.22
C GLU C 49 -0.72 42.64 16.97
N ARG C 50 -0.20 41.41 16.95
CA ARG C 50 -0.79 40.28 17.66
C ARG C 50 0.04 39.02 17.40
N ASN C 51 0.01 38.07 18.32
CA ASN C 51 0.79 36.85 18.13
C ASN C 51 0.25 36.09 16.93
N VAL C 52 1.05 35.17 16.38
CA VAL C 52 0.65 34.36 15.22
C VAL C 52 1.40 33.04 15.09
N ALA C 53 1.01 32.26 14.09
CA ALA C 53 1.64 30.96 13.82
C ALA C 53 2.21 30.95 12.42
N ILE C 54 3.42 30.40 12.29
CA ILE C 54 4.06 30.33 11.00
C ILE C 54 4.52 28.89 10.71
N LYS C 55 3.83 28.27 9.75
CA LYS C 55 4.10 26.89 9.34
C LYS C 55 5.02 26.89 8.14
N LYS C 56 6.12 26.18 8.25
CA LYS C 56 7.06 26.10 7.14
C LYS C 56 6.83 24.77 6.42
N LEU C 57 5.97 24.79 5.40
CA LEU C 57 5.69 23.59 4.64
C LEU C 57 7.04 22.98 4.33
N SER C 58 7.22 21.75 4.79
CA SER C 58 8.46 21.02 4.59
C SER C 58 9.01 21.05 3.18
N ARG C 59 8.47 20.22 2.30
CA ARG C 59 8.97 20.18 0.93
C ARG C 59 7.93 20.27 -0.18
N PRO C 60 8.12 21.22 -1.11
CA PRO C 60 7.19 21.40 -2.23
C PRO C 60 7.40 20.23 -3.16
N PHE C 61 8.66 19.90 -3.41
CA PHE C 61 8.99 18.76 -4.26
C PHE C 61 9.89 17.69 -3.61
N GLN C 62 9.63 16.44 -3.95
CA GLN C 62 10.40 15.31 -3.44
C GLN C 62 9.74 14.02 -3.89
N ASN C 63 8.47 13.86 -3.51
CA ASN C 63 7.73 12.67 -3.89
C ASN C 63 6.35 13.02 -4.42
N GLN C 64 6.21 14.22 -5.00
CA GLN C 64 4.94 14.68 -5.55
C GLN C 64 3.86 14.69 -4.49
N THR C 65 3.57 13.51 -3.96
CA THR C 65 2.58 13.37 -2.91
C THR C 65 2.84 14.45 -1.86
N HIS C 66 4.07 14.53 -1.35
CA HIS C 66 4.42 15.55 -0.36
C HIS C 66 4.49 16.90 -1.06
N ALA C 67 3.39 17.24 -1.74
CA ALA C 67 3.31 18.49 -2.47
C ALA C 67 1.87 18.79 -2.81
N LYS C 68 1.29 18.03 -3.71
CA LYS C 68 -0.10 18.26 -4.11
C LYS C 68 -0.90 18.60 -2.87
N ARG C 69 -0.65 17.85 -1.80
CA ARG C 69 -1.35 18.09 -0.54
C ARG C 69 -1.15 19.55 -0.17
N ALA C 70 0.11 19.99 -0.20
CA ALA C 70 0.45 21.37 0.09
C ALA C 70 -0.31 22.27 -0.88
N TYR C 71 -0.57 21.79 -2.08
CA TYR C 71 -1.31 22.58 -3.03
C TYR C 71 -2.72 22.71 -2.47
N ARG C 72 -3.38 21.57 -2.31
CA ARG C 72 -4.72 21.55 -1.75
C ARG C 72 -4.75 22.43 -0.50
N GLU C 73 -4.05 21.96 0.54
CA GLU C 73 -3.99 22.68 1.81
C GLU C 73 -3.86 24.17 1.58
N LEU C 74 -2.84 24.55 0.85
CA LEU C 74 -2.62 25.96 0.57
C LEU C 74 -3.94 26.54 0.07
N VAL C 75 -4.19 26.39 -1.23
CA VAL C 75 -5.41 26.92 -1.85
C VAL C 75 -6.62 26.71 -0.96
N LEU C 76 -6.64 25.61 -0.23
CA LEU C 76 -7.77 25.31 0.64
C LEU C 76 -8.01 26.49 1.58
N MET C 77 -7.14 26.65 2.57
CA MET C 77 -7.29 27.75 3.53
C MET C 77 -7.53 29.06 2.79
N LYS C 78 -6.77 29.25 1.72
CA LYS C 78 -6.86 30.45 0.90
C LYS C 78 -8.30 30.82 0.56
N CYS C 79 -9.24 29.91 0.76
CA CYS C 79 -10.62 30.18 0.42
C CYS C 79 -11.69 29.75 1.42
N VAL C 80 -11.32 29.05 2.48
CA VAL C 80 -12.31 28.62 3.47
C VAL C 80 -12.66 29.72 4.45
N ASN C 81 -13.94 29.86 4.77
CA ASN C 81 -14.41 30.89 5.70
C ASN C 81 -15.53 30.49 6.66
N HIS C 82 -15.15 30.20 7.91
CA HIS C 82 -16.09 29.82 8.98
C HIS C 82 -15.42 29.93 10.37
N LYS C 83 -16.21 30.36 11.36
CA LYS C 83 -15.73 30.55 12.73
C LYS C 83 -15.02 29.38 13.41
N ASN C 84 -14.77 28.30 12.70
CA ASN C 84 -14.09 27.15 13.29
C ASN C 84 -12.92 26.66 12.43
N ILE C 85 -12.47 27.50 11.50
CA ILE C 85 -11.36 27.15 10.63
C ILE C 85 -10.33 28.27 10.56
N ILE C 86 -9.12 27.97 11.01
CA ILE C 86 -8.01 28.92 11.04
C ILE C 86 -7.95 29.94 9.92
N GLY C 87 -8.30 31.18 10.25
CA GLY C 87 -8.27 32.24 9.26
C GLY C 87 -6.87 32.32 8.68
N LEU C 88 -6.77 32.74 7.43
CA LEU C 88 -5.49 32.85 6.78
C LEU C 88 -5.03 34.31 6.80
N LEU C 89 -4.02 34.60 7.63
CA LEU C 89 -3.48 35.96 7.76
C LEU C 89 -2.50 36.26 6.65
N ASN C 90 -1.57 35.34 6.44
CA ASN C 90 -0.57 35.48 5.39
C ASN C 90 0.09 34.14 5.04
N VAL C 91 1.05 34.20 4.13
CA VAL C 91 1.81 33.05 3.65
C VAL C 91 2.89 33.60 2.72
N PHE C 92 4.13 33.29 3.03
CA PHE C 92 5.24 33.81 2.27
C PHE C 92 6.31 32.79 1.98
N THR C 93 7.15 33.11 1.01
CA THR C 93 8.27 32.28 0.62
C THR C 93 9.42 33.25 0.41
N PRO C 94 10.62 32.87 0.87
CA PRO C 94 11.83 33.70 0.75
C PRO C 94 12.69 33.42 -0.46
N GLN C 95 12.34 33.98 -1.61
CA GLN C 95 13.12 33.77 -2.83
C GLN C 95 12.74 34.76 -3.92
N LYS C 96 13.59 34.87 -4.94
CA LYS C 96 13.36 35.80 -6.05
C LYS C 96 12.30 35.30 -7.03
N SER C 97 12.62 34.25 -7.78
CA SER C 97 11.68 33.67 -8.74
C SER C 97 11.65 32.15 -8.76
N LEU C 98 10.78 31.61 -9.60
CA LEU C 98 10.55 30.18 -9.74
C LEU C 98 11.75 29.23 -9.91
N GLU C 99 12.90 29.73 -10.36
CA GLU C 99 14.07 28.87 -10.53
C GLU C 99 14.70 28.57 -9.17
N GLU C 100 14.05 29.03 -8.12
CA GLU C 100 14.53 28.81 -6.76
C GLU C 100 13.46 28.04 -6.00
N PHE C 101 12.63 28.79 -5.26
CA PHE C 101 11.54 28.20 -4.50
C PHE C 101 12.00 26.94 -3.77
N GLN C 102 12.59 27.11 -2.58
CA GLN C 102 13.09 25.99 -1.80
C GLN C 102 12.04 25.43 -0.85
N ASP C 103 11.30 26.33 -0.19
CA ASP C 103 10.27 25.94 0.77
C ASP C 103 9.20 27.02 0.91
N VAL C 104 8.23 26.78 1.79
CA VAL C 104 7.16 27.75 2.02
C VAL C 104 6.68 27.85 3.47
N TYR C 105 6.05 28.98 3.78
CA TYR C 105 5.56 29.25 5.13
C TYR C 105 4.19 29.90 5.05
N ILE C 106 3.36 29.54 6.04
CA ILE C 106 1.98 30.05 6.17
C ILE C 106 1.80 30.76 7.50
N VAL C 107 1.21 31.94 7.46
CA VAL C 107 0.96 32.73 8.65
C VAL C 107 -0.56 32.77 8.89
N MET C 108 -0.99 32.50 10.12
CA MET C 108 -2.41 32.49 10.40
C MET C 108 -2.70 32.83 11.87
N GLU C 109 -3.89 33.39 12.12
CA GLU C 109 -4.28 33.79 13.47
C GLU C 109 -3.93 32.70 14.47
N LEU C 110 -3.33 33.14 15.58
CA LEU C 110 -2.88 32.24 16.63
C LEU C 110 -3.87 32.08 17.78
N MET C 111 -3.84 30.91 18.41
CA MET C 111 -4.74 30.59 19.53
C MET C 111 -4.01 30.49 20.87
N ASP C 112 -4.71 30.00 21.89
CA ASP C 112 -4.14 29.86 23.21
C ASP C 112 -3.58 28.48 23.48
N ALA C 113 -4.41 27.44 23.38
CA ALA C 113 -3.93 26.07 23.60
C ALA C 113 -4.70 25.04 22.77
N ASN C 114 -4.00 24.03 22.27
CA ASN C 114 -4.63 23.00 21.46
C ASN C 114 -5.42 22.02 22.31
N LEU C 115 -6.52 21.51 21.74
CA LEU C 115 -7.40 20.57 22.44
C LEU C 115 -6.68 19.40 23.11
N CYS C 116 -5.35 19.43 23.10
CA CYS C 116 -4.59 18.37 23.74
C CYS C 116 -4.63 18.62 25.23
N GLN C 117 -4.42 19.88 25.63
CA GLN C 117 -4.45 20.25 27.05
C GLN C 117 -5.89 20.26 27.56
N VAL C 118 -6.84 20.18 26.64
CA VAL C 118 -8.24 20.18 27.02
C VAL C 118 -8.66 18.79 27.50
N ILE C 119 -8.15 17.76 26.84
CA ILE C 119 -8.51 16.41 27.24
C ILE C 119 -8.00 16.15 28.64
N GLN C 120 -7.07 17.00 29.07
CA GLN C 120 -6.45 16.89 30.39
C GLN C 120 -7.05 17.82 31.45
N MET C 121 -8.36 17.70 31.71
CA MET C 121 -9.03 18.55 32.70
C MET C 121 -10.51 18.22 32.91
N GLU C 122 -10.97 18.26 34.16
CA GLU C 122 -12.37 17.96 34.47
C GLU C 122 -13.28 18.84 33.64
N LEU C 123 -14.16 18.23 32.86
CA LEU C 123 -15.03 19.01 32.03
C LEU C 123 -16.50 18.81 32.31
N ASP C 124 -17.25 19.92 32.32
CA ASP C 124 -18.68 19.88 32.55
C ASP C 124 -19.32 19.80 31.17
N HIS C 125 -20.53 19.23 31.11
CA HIS C 125 -21.24 19.08 29.84
C HIS C 125 -21.14 20.32 28.98
N GLU C 126 -21.94 21.33 29.33
CA GLU C 126 -21.99 22.59 28.61
C GLU C 126 -20.75 22.81 27.74
N ARG C 127 -19.63 23.09 28.39
CA ARG C 127 -18.40 23.33 27.66
C ARG C 127 -17.99 22.18 26.75
N MET C 128 -17.68 21.03 27.35
CA MET C 128 -17.29 19.87 26.58
C MET C 128 -18.24 19.67 25.40
N SER C 129 -19.49 19.99 25.62
CA SER C 129 -20.51 19.87 24.59
C SER C 129 -20.35 21.02 23.58
N TYR C 130 -20.23 22.23 24.08
CA TYR C 130 -20.07 23.36 23.22
C TYR C 130 -18.80 23.20 22.42
N LEU C 131 -17.99 22.21 22.78
CA LEU C 131 -16.76 22.01 22.04
C LEU C 131 -17.03 21.01 20.92
N LEU C 132 -17.38 19.78 21.26
CA LEU C 132 -17.68 18.81 20.22
C LEU C 132 -18.56 19.51 19.22
N TYR C 133 -19.38 20.44 19.73
CA TYR C 133 -20.27 21.19 18.87
C TYR C 133 -19.52 22.24 18.09
N GLN C 134 -18.71 23.05 18.76
CA GLN C 134 -17.97 24.09 18.06
C GLN C 134 -17.02 23.43 17.09
N MET C 135 -16.88 22.12 17.25
CA MET C 135 -16.02 21.33 16.37
C MET C 135 -16.86 20.89 15.15
N LEU C 136 -17.90 20.12 15.41
CA LEU C 136 -18.80 19.62 14.38
C LEU C 136 -19.12 20.67 13.34
N CYS C 137 -19.78 21.75 13.74
CA CYS C 137 -20.15 22.80 12.78
C CYS C 137 -18.95 23.35 12.04
N GLY C 138 -17.77 22.85 12.40
CA GLY C 138 -16.55 23.25 11.74
C GLY C 138 -16.27 22.25 10.64
N ILE C 139 -16.37 20.97 10.99
CA ILE C 139 -16.17 19.87 10.06
C ILE C 139 -17.32 19.93 9.06
N LYS C 140 -18.47 20.40 9.53
CA LYS C 140 -19.67 20.55 8.71
C LYS C 140 -19.44 21.60 7.63
N HIS C 141 -18.43 22.45 7.81
CA HIS C 141 -18.10 23.47 6.83
C HIS C 141 -17.22 22.82 5.78
N LEU C 142 -17.02 21.52 5.90
CA LEU C 142 -16.19 20.81 4.93
C LEU C 142 -17.04 19.81 4.17
N HIS C 143 -17.89 19.10 4.89
CA HIS C 143 -18.75 18.11 4.25
C HIS C 143 -19.90 18.76 3.50
N SER C 144 -19.63 19.94 2.97
CA SER C 144 -20.60 20.70 2.21
C SER C 144 -19.89 21.08 0.91
N ALA C 145 -18.58 20.84 0.89
CA ALA C 145 -17.77 21.13 -0.28
C ALA C 145 -17.21 19.81 -0.78
N GLY C 146 -17.57 18.74 -0.05
CA GLY C 146 -17.12 17.41 -0.40
C GLY C 146 -15.75 17.15 0.19
N ILE C 147 -15.36 18.01 1.12
CA ILE C 147 -14.06 17.92 1.76
C ILE C 147 -14.01 17.14 3.06
N ILE C 148 -13.05 16.22 3.13
CA ILE C 148 -12.86 15.41 4.30
C ILE C 148 -11.52 15.83 4.86
N HIS C 149 -11.42 16.00 6.18
CA HIS C 149 -10.15 16.40 6.77
C HIS C 149 -9.23 15.22 6.75
N ARG C 150 -9.73 14.11 7.28
CA ARG C 150 -8.96 12.88 7.30
C ARG C 150 -7.94 12.75 8.43
N ASP C 151 -7.37 13.87 8.89
CA ASP C 151 -6.36 13.87 9.97
C ASP C 151 -6.82 14.53 11.26
N LEU C 152 -8.11 14.51 11.54
CA LEU C 152 -8.54 15.11 12.78
C LEU C 152 -7.89 14.29 13.88
N LYS C 153 -7.41 14.99 14.90
CA LYS C 153 -6.74 14.40 16.04
C LYS C 153 -6.64 15.53 17.04
N PRO C 154 -6.53 15.21 18.34
CA PRO C 154 -6.44 16.27 19.37
C PRO C 154 -5.47 17.35 18.91
N SER C 155 -4.23 16.91 18.66
CA SER C 155 -3.15 17.76 18.21
C SER C 155 -3.62 18.81 17.21
N ASN C 156 -4.76 18.55 16.57
CA ASN C 156 -5.27 19.42 15.53
C ASN C 156 -6.39 20.41 15.83
N ILE C 157 -6.77 20.58 17.09
CA ILE C 157 -7.82 21.54 17.41
C ILE C 157 -7.30 22.61 18.36
N VAL C 158 -7.70 23.86 18.15
CA VAL C 158 -7.24 24.93 19.02
C VAL C 158 -8.35 25.72 19.68
N VAL C 159 -8.25 25.85 21.00
CA VAL C 159 -9.24 26.55 21.81
C VAL C 159 -8.73 27.88 22.35
N LYS C 160 -9.65 28.82 22.58
CA LYS C 160 -9.32 30.15 23.09
C LYS C 160 -9.85 30.33 24.52
N SER C 161 -9.20 31.20 25.29
CA SER C 161 -9.60 31.47 26.69
C SER C 161 -11.12 31.58 26.80
N ASP C 162 -11.73 32.22 25.80
CA ASP C 162 -13.18 32.42 25.79
C ASP C 162 -13.95 31.24 25.20
N CYS C 163 -13.43 30.04 25.44
CA CYS C 163 -14.03 28.80 25.00
C CYS C 163 -14.30 28.65 23.51
N THR C 164 -13.64 29.47 22.70
CA THR C 164 -13.82 29.39 21.26
C THR C 164 -12.93 28.26 20.77
N LEU C 165 -13.37 27.54 19.76
CA LEU C 165 -12.61 26.44 19.21
C LEU C 165 -12.38 26.52 17.70
N LYS C 166 -11.25 25.99 17.26
CA LYS C 166 -10.92 26.01 15.86
C LYS C 166 -10.15 24.75 15.44
N ILE C 167 -10.23 24.44 14.15
CA ILE C 167 -9.60 23.27 13.58
C ILE C 167 -8.38 23.56 12.74
N LEU C 168 -7.49 22.59 12.63
CA LEU C 168 -6.26 22.75 11.88
C LEU C 168 -5.92 21.79 10.74
N ASP C 169 -4.62 21.79 10.45
CA ASP C 169 -3.98 20.97 9.43
C ASP C 169 -4.29 21.32 7.98
N PHE C 170 -5.21 20.58 7.39
CA PHE C 170 -5.61 20.77 6.00
C PHE C 170 -4.63 20.18 4.99
N GLY C 171 -3.47 19.74 5.47
CA GLY C 171 -2.48 19.16 4.58
C GLY C 171 -3.02 17.93 3.87
N LEU C 172 -3.93 17.23 4.52
CA LEU C 172 -4.51 16.05 3.93
C LEU C 172 -5.96 16.30 3.50
N ALA C 173 -6.30 17.57 3.34
CA ALA C 173 -7.63 17.93 2.91
C ALA C 173 -7.79 17.52 1.45
N ARG C 174 -8.91 16.85 1.13
CA ARG C 174 -9.20 16.42 -0.23
C ARG C 174 -10.69 16.13 -0.40
N THR C 175 -11.14 16.07 -1.66
CA THR C 175 -12.55 15.79 -1.97
C THR C 175 -12.78 14.30 -2.18
N ALA C 176 -13.79 13.77 -1.49
CA ALA C 176 -14.16 12.35 -1.57
C ALA C 176 -13.01 11.36 -1.71
N GLY C 177 -13.36 10.08 -1.76
CA GLY C 177 -12.37 9.03 -1.89
C GLY C 177 -12.81 7.97 -2.87
N THR C 178 -12.55 8.19 -4.15
CA THR C 178 -12.90 7.26 -5.21
C THR C 178 -12.15 5.96 -5.00
N SER C 179 -11.10 6.02 -4.18
CA SER C 179 -10.26 4.88 -3.87
C SER C 179 -10.03 4.79 -2.37
N PHE C 180 -8.82 4.37 -2.00
CA PHE C 180 -8.44 4.26 -0.60
C PHE C 180 -7.03 4.79 -0.42
N MET C 181 -6.88 5.80 0.44
CA MET C 181 -5.59 6.41 0.72
C MET C 181 -4.46 5.38 0.61
N MET C 182 -3.52 5.65 -0.29
CA MET C 182 -2.38 4.75 -0.54
C MET C 182 -1.49 4.55 0.68
N GLU C 183 -1.05 5.65 1.30
CA GLU C 183 -0.19 5.58 2.46
C GLU C 183 -0.98 5.89 3.73
N PRO C 184 -1.55 4.86 4.38
CA PRO C 184 -2.32 5.05 5.61
C PRO C 184 -1.46 5.56 6.76
N GLU C 185 -0.15 5.45 6.61
CA GLU C 185 0.79 5.88 7.63
C GLU C 185 0.62 7.36 7.92
N VAL C 186 0.16 8.11 6.91
CA VAL C 186 -0.02 9.55 7.05
C VAL C 186 -0.91 9.98 8.20
N VAL C 187 -2.23 9.85 8.07
CA VAL C 187 -3.12 10.24 9.16
C VAL C 187 -2.58 9.55 10.39
N THR C 188 -2.44 10.30 11.47
CA THR C 188 -1.88 9.76 12.70
C THR C 188 -2.71 8.62 13.31
N ARG C 189 -2.02 7.51 13.58
CA ARG C 189 -2.57 6.26 14.11
C ARG C 189 -3.85 6.21 14.95
N TYR C 190 -3.71 6.42 16.26
CA TYR C 190 -4.81 6.36 17.21
C TYR C 190 -6.19 6.84 16.75
N TYR C 191 -6.24 7.64 15.69
CA TYR C 191 -7.51 8.15 15.17
C TYR C 191 -7.72 7.81 13.70
N ARG C 192 -7.12 6.68 13.28
CA ARG C 192 -7.22 6.18 11.92
C ARG C 192 -8.50 5.37 11.83
N ALA C 193 -9.57 5.98 11.35
CA ALA C 193 -10.83 5.27 11.21
C ALA C 193 -10.51 3.92 10.56
N PRO C 194 -11.23 2.86 10.94
CA PRO C 194 -10.99 1.52 10.38
C PRO C 194 -11.06 1.43 8.86
N GLU C 195 -11.87 2.26 8.21
CA GLU C 195 -11.90 2.18 6.76
C GLU C 195 -10.56 2.62 6.19
N VAL C 196 -9.72 3.23 7.01
CA VAL C 196 -8.41 3.64 6.52
C VAL C 196 -7.35 2.58 6.82
N ILE C 197 -7.29 2.13 8.07
CA ILE C 197 -6.30 1.13 8.46
C ILE C 197 -6.47 -0.18 7.69
N LEU C 198 -7.70 -0.40 7.19
CA LEU C 198 -8.05 -1.61 6.43
C LEU C 198 -8.18 -1.49 4.92
N GLY C 199 -7.98 -0.29 4.38
CA GLY C 199 -8.04 -0.14 2.93
C GLY C 199 -9.35 0.07 2.21
N MET C 200 -10.45 0.18 2.93
CA MET C 200 -11.76 0.38 2.29
C MET C 200 -11.88 1.79 1.73
N GLY C 201 -12.78 1.99 0.78
CA GLY C 201 -12.94 3.31 0.22
C GLY C 201 -13.52 4.12 1.35
N TYR C 202 -13.46 5.45 1.27
CA TYR C 202 -13.99 6.24 2.36
C TYR C 202 -14.97 7.36 2.02
N LYS C 203 -16.19 7.26 2.54
CA LYS C 203 -17.16 8.32 2.28
C LYS C 203 -16.66 9.54 3.05
N GLU C 204 -17.48 10.57 3.21
CA GLU C 204 -17.04 11.76 3.94
C GLU C 204 -17.11 11.48 5.45
N ASN C 205 -18.08 10.65 5.84
CA ASN C 205 -18.29 10.31 7.24
C ASN C 205 -17.19 9.46 7.87
N VAL C 206 -15.96 9.93 7.76
CA VAL C 206 -14.84 9.24 8.36
C VAL C 206 -14.36 10.23 9.41
N ASP C 207 -14.33 11.50 9.04
CA ASP C 207 -13.92 12.57 9.96
C ASP C 207 -14.71 12.39 11.24
N LEU C 208 -15.88 11.76 11.10
CA LEU C 208 -16.74 11.54 12.24
C LEU C 208 -16.17 10.41 13.11
N TRP C 209 -15.47 9.46 12.52
CA TRP C 209 -14.91 8.42 13.37
C TRP C 209 -13.75 9.02 14.14
N SER C 210 -13.00 9.92 13.50
CA SER C 210 -11.91 10.54 14.22
C SER C 210 -12.59 11.20 15.43
N VAL C 211 -13.50 12.12 15.17
CA VAL C 211 -14.24 12.83 16.22
C VAL C 211 -14.59 11.90 17.38
N GLY C 212 -15.31 10.84 17.06
CA GLY C 212 -15.69 9.89 18.09
C GLY C 212 -14.48 9.42 18.89
N CYS C 213 -13.30 9.56 18.32
CA CYS C 213 -12.15 9.13 19.05
C CYS C 213 -11.76 10.25 20.02
N ILE C 214 -11.94 11.50 19.60
CA ILE C 214 -11.62 12.65 20.45
C ILE C 214 -12.59 12.69 21.60
N MET C 215 -13.88 12.81 21.28
CA MET C 215 -14.90 12.87 22.31
C MET C 215 -14.57 11.85 23.37
N GLY C 216 -14.54 10.59 22.97
CA GLY C 216 -14.25 9.51 23.90
C GLY C 216 -12.96 9.67 24.68
N GLU C 217 -12.13 10.61 24.29
CA GLU C 217 -10.89 10.85 25.01
C GLU C 217 -11.15 11.96 26.02
N MET C 218 -11.79 13.04 25.58
CA MET C 218 -12.13 14.15 26.47
C MET C 218 -12.91 13.59 27.65
N VAL C 219 -13.45 12.40 27.46
CA VAL C 219 -14.22 11.72 28.49
C VAL C 219 -13.40 10.67 29.19
N CYS C 220 -12.45 10.07 28.48
CA CYS C 220 -11.61 9.04 29.08
C CYS C 220 -10.31 9.62 29.69
N HIS C 221 -9.89 10.78 29.20
CA HIS C 221 -8.68 11.43 29.70
C HIS C 221 -7.46 10.60 29.32
N LYS C 222 -7.70 9.43 28.73
CA LYS C 222 -6.65 8.53 28.28
C LYS C 222 -6.94 8.10 26.84
N ILE C 223 -5.92 8.01 26.00
CA ILE C 223 -6.12 7.61 24.60
C ILE C 223 -7.06 6.42 24.65
N LEU C 224 -8.10 6.47 23.82
CA LEU C 224 -9.11 5.42 23.78
C LEU C 224 -8.62 4.17 23.07
N PHE C 225 -7.83 4.37 22.03
CA PHE C 225 -7.31 3.26 21.26
C PHE C 225 -5.78 3.22 21.22
N PRO C 226 -5.18 2.62 22.26
CA PRO C 226 -3.73 2.46 22.42
C PRO C 226 -3.24 1.61 21.28
N GLY C 227 -2.68 2.25 20.26
CA GLY C 227 -2.17 1.50 19.13
C GLY C 227 -0.67 1.46 19.13
N ARG C 228 -0.10 0.32 18.71
CA ARG C 228 1.35 0.17 18.67
C ARG C 228 1.90 -0.21 17.30
N ASP C 229 1.17 0.11 16.24
CA ASP C 229 1.55 -0.16 14.85
C ASP C 229 0.30 -0.23 13.95
N TYR C 230 0.47 -0.04 12.63
CA TYR C 230 -0.71 -0.10 11.77
C TYR C 230 -1.44 -1.41 12.01
N ILE C 231 -0.72 -2.45 12.38
CA ILE C 231 -1.33 -3.72 12.65
C ILE C 231 -2.16 -3.65 13.92
N ASP C 232 -1.53 -3.86 15.07
CA ASP C 232 -2.21 -3.87 16.38
C ASP C 232 -3.38 -2.89 16.54
N GLN C 233 -3.25 -1.70 15.96
CA GLN C 233 -4.33 -0.71 16.03
C GLN C 233 -5.68 -1.41 15.79
N TRP C 234 -5.67 -2.51 15.02
CA TRP C 234 -6.89 -3.27 14.75
C TRP C 234 -7.27 -3.90 16.09
N ASN C 235 -6.38 -4.74 16.59
CA ASN C 235 -6.59 -5.42 17.86
C ASN C 235 -7.03 -4.54 19.03
N LYS C 236 -7.00 -3.22 18.86
CA LYS C 236 -7.44 -2.38 19.96
C LYS C 236 -8.88 -2.07 19.70
N VAL C 237 -9.21 -1.86 18.43
CA VAL C 237 -10.57 -1.55 18.04
C VAL C 237 -11.42 -2.80 18.04
N ILE C 238 -10.87 -3.89 17.55
CA ILE C 238 -11.69 -5.07 17.56
C ILE C 238 -11.75 -5.73 18.92
N GLU C 239 -11.00 -5.21 19.89
CA GLU C 239 -11.03 -5.81 21.21
C GLU C 239 -12.02 -5.03 22.04
N GLN C 240 -12.08 -3.72 21.80
CA GLN C 240 -13.02 -2.87 22.53
C GLN C 240 -14.35 -2.89 21.80
N LEU C 241 -14.42 -2.15 20.70
CA LEU C 241 -15.65 -2.07 19.93
C LEU C 241 -16.21 -3.42 19.52
N GLY C 242 -15.38 -4.45 19.57
CA GLY C 242 -15.83 -5.77 19.18
C GLY C 242 -15.68 -6.00 17.69
N THR C 243 -15.63 -7.26 17.30
CA THR C 243 -15.46 -7.65 15.90
C THR C 243 -16.57 -7.11 14.99
N PRO C 244 -16.33 -7.11 13.67
CA PRO C 244 -17.37 -6.61 12.77
C PRO C 244 -18.35 -7.70 12.30
N CYS C 245 -19.57 -7.29 12.00
CA CYS C 245 -20.60 -8.21 11.52
C CYS C 245 -20.23 -8.55 10.07
N PRO C 246 -20.31 -9.83 9.72
CA PRO C 246 -19.99 -10.38 8.40
C PRO C 246 -20.38 -9.55 7.17
N GLU C 247 -21.45 -8.78 7.26
CA GLU C 247 -21.85 -7.98 6.11
C GLU C 247 -20.70 -7.03 5.77
N PHE C 248 -20.01 -6.57 6.81
CA PHE C 248 -18.88 -5.63 6.71
C PHE C 248 -17.68 -6.31 6.10
N MET C 249 -17.23 -7.38 6.73
CA MET C 249 -16.08 -8.14 6.26
C MET C 249 -16.06 -8.26 4.74
N LYS C 250 -17.19 -8.68 4.16
CA LYS C 250 -17.27 -8.83 2.71
C LYS C 250 -16.94 -7.55 1.90
N LYS C 251 -16.64 -6.47 2.59
CA LYS C 251 -16.27 -5.23 1.91
C LYS C 251 -14.77 -5.08 1.97
N LEU C 252 -14.15 -5.92 2.78
CA LEU C 252 -12.70 -5.87 2.95
C LEU C 252 -12.02 -6.41 1.68
N GLN C 253 -10.94 -5.76 1.26
CA GLN C 253 -10.20 -6.19 0.08
C GLN C 253 -9.94 -7.70 0.16
N PRO C 254 -9.80 -8.36 -0.99
CA PRO C 254 -9.55 -9.80 -0.98
C PRO C 254 -8.43 -10.27 -0.06
N THR C 255 -7.29 -9.60 -0.09
CA THR C 255 -6.16 -10.01 0.75
C THR C 255 -6.36 -9.64 2.23
N VAL C 256 -6.69 -8.39 2.46
CA VAL C 256 -6.95 -7.90 3.79
C VAL C 256 -7.93 -8.84 4.44
N ARG C 257 -9.06 -9.04 3.75
CA ARG C 257 -10.10 -9.89 4.26
C ARG C 257 -9.56 -11.26 4.64
N THR C 258 -8.58 -11.73 3.92
CA THR C 258 -8.04 -13.03 4.26
C THR C 258 -7.42 -12.92 5.64
N TYR C 259 -7.01 -11.71 6.00
CA TYR C 259 -6.39 -11.46 7.30
C TYR C 259 -7.41 -11.31 8.38
N VAL C 260 -8.10 -10.18 8.31
CA VAL C 260 -9.15 -9.81 9.27
C VAL C 260 -9.96 -10.95 9.87
N GLU C 261 -10.54 -11.78 9.01
CA GLU C 261 -11.36 -12.90 9.45
C GLU C 261 -10.64 -13.87 10.37
N ASN C 262 -9.32 -13.83 10.35
CA ASN C 262 -8.52 -14.72 11.18
C ASN C 262 -8.27 -14.15 12.57
N ARG C 263 -8.45 -12.83 12.68
CA ARG C 263 -8.25 -12.17 13.95
C ARG C 263 -9.35 -12.59 14.90
N PRO C 264 -9.00 -13.37 15.93
CA PRO C 264 -9.89 -13.88 16.95
C PRO C 264 -11.16 -13.07 17.12
N LYS C 265 -12.29 -13.78 17.16
CA LYS C 265 -13.58 -13.13 17.34
C LYS C 265 -13.60 -12.53 18.73
N TYR C 266 -13.82 -11.22 18.79
CA TYR C 266 -13.82 -10.55 20.08
C TYR C 266 -15.17 -10.30 20.75
N ALA C 267 -15.17 -10.63 22.04
CA ALA C 267 -16.31 -10.48 22.93
C ALA C 267 -17.14 -9.28 22.50
N GLY C 268 -16.70 -8.09 22.88
CA GLY C 268 -17.42 -6.88 22.54
C GLY C 268 -17.88 -6.23 23.83
N TYR C 269 -17.47 -4.99 24.05
CA TYR C 269 -17.83 -4.27 25.26
C TYR C 269 -18.93 -3.26 24.98
N SER C 270 -20.04 -3.44 25.70
CA SER C 270 -21.24 -2.61 25.61
C SER C 270 -20.93 -1.14 25.79
N PHE C 271 -21.39 -0.33 24.84
CA PHE C 271 -21.13 1.09 24.90
C PHE C 271 -21.54 1.75 26.19
N GLU C 272 -22.33 1.04 26.99
CA GLU C 272 -22.80 1.57 28.25
C GLU C 272 -21.86 1.20 29.40
N LYS C 273 -20.78 0.47 29.08
CA LYS C 273 -19.79 0.03 30.08
C LYS C 273 -18.39 0.55 29.79
N LEU C 274 -18.13 0.99 28.56
CA LEU C 274 -16.83 1.54 28.22
C LEU C 274 -16.84 2.94 28.78
N PHE C 275 -18.06 3.49 28.87
CA PHE C 275 -18.26 4.85 29.34
C PHE C 275 -19.27 4.98 30.46
N PRO C 276 -18.96 4.40 31.62
CA PRO C 276 -19.82 4.43 32.81
C PRO C 276 -20.25 5.87 33.10
N ASP C 277 -21.38 6.03 33.76
CA ASP C 277 -21.91 7.35 34.11
C ASP C 277 -20.99 8.04 35.11
N VAL C 278 -19.69 8.08 34.79
CA VAL C 278 -18.72 8.70 35.69
C VAL C 278 -17.68 9.62 35.05
N LEU C 279 -16.79 9.08 34.22
CA LEU C 279 -15.76 9.90 33.56
C LEU C 279 -16.51 11.06 32.93
N PHE C 280 -17.79 10.79 32.72
CA PHE C 280 -18.74 11.71 32.15
C PHE C 280 -19.04 12.81 33.14
N PRO C 281 -19.15 14.05 32.66
CA PRO C 281 -19.44 15.19 33.53
C PRO C 281 -20.69 15.00 34.38
N ALA C 282 -20.91 15.91 35.31
CA ALA C 282 -22.08 15.86 36.19
C ALA C 282 -23.33 16.34 35.42
N ASP C 283 -24.41 15.59 35.54
CA ASP C 283 -25.67 15.92 34.87
C ASP C 283 -26.17 17.32 35.26
N SER C 284 -27.21 17.81 34.56
CA SER C 284 -27.72 19.16 34.85
C SER C 284 -29.22 19.32 35.12
N GLU C 285 -29.72 20.50 34.77
CA GLU C 285 -31.11 20.89 35.00
C GLU C 285 -32.16 20.40 34.01
N HIS C 286 -32.15 21.00 32.83
CA HIS C 286 -33.10 20.73 31.76
C HIS C 286 -33.34 19.30 31.31
N ASN C 287 -32.67 18.32 31.92
CA ASN C 287 -32.89 16.93 31.54
C ASN C 287 -32.42 16.69 30.09
N LYS C 288 -31.61 17.61 29.57
CA LYS C 288 -31.11 17.50 28.20
C LYS C 288 -29.67 16.98 28.03
N LEU C 289 -28.69 17.73 28.52
CA LEU C 289 -27.27 17.34 28.43
C LEU C 289 -26.99 16.24 29.44
N LYS C 290 -27.54 15.05 29.21
CA LYS C 290 -27.34 13.94 30.15
C LYS C 290 -26.02 13.23 29.88
N ALA C 291 -25.57 12.48 30.88
CA ALA C 291 -24.35 11.72 30.77
C ALA C 291 -24.63 10.56 29.83
N SER C 292 -25.87 10.05 29.89
CA SER C 292 -26.31 8.95 29.05
C SER C 292 -26.73 9.52 27.69
N GLN C 293 -26.58 10.83 27.55
CA GLN C 293 -26.92 11.53 26.33
C GLN C 293 -25.66 11.69 25.49
N ALA C 294 -24.57 12.06 26.14
CA ALA C 294 -23.34 12.18 25.40
C ALA C 294 -22.95 10.76 25.00
N ARG C 295 -23.23 9.78 25.87
CA ARG C 295 -22.87 8.40 25.53
C ARG C 295 -23.84 7.82 24.54
N ASP C 296 -24.01 8.53 23.43
CA ASP C 296 -24.85 8.09 22.35
C ASP C 296 -24.10 8.55 21.11
N LEU C 297 -23.72 9.83 21.11
CA LEU C 297 -22.95 10.39 20.01
C LEU C 297 -21.54 9.83 20.12
N LEU C 298 -21.39 8.86 21.02
CA LEU C 298 -20.11 8.19 21.27
C LEU C 298 -20.44 6.74 20.98
N SER C 299 -21.73 6.47 20.88
CA SER C 299 -22.24 5.15 20.62
C SER C 299 -22.70 5.12 19.16
N LYS C 300 -22.85 6.30 18.58
CA LYS C 300 -23.29 6.40 17.20
C LYS C 300 -22.25 7.11 16.37
N MET C 301 -21.06 7.28 16.94
CA MET C 301 -19.94 7.93 16.25
C MET C 301 -18.81 6.92 16.12
N LEU C 302 -18.86 5.89 16.95
CA LEU C 302 -17.82 4.86 16.94
C LEU C 302 -18.37 3.56 16.36
N VAL C 303 -18.51 3.53 15.04
CA VAL C 303 -18.98 2.32 14.40
C VAL C 303 -17.97 1.92 13.31
N ILE C 304 -17.69 0.63 13.28
CA ILE C 304 -16.72 0.09 12.36
C ILE C 304 -17.21 0.15 10.91
N ASP C 305 -18.48 -0.09 10.68
CA ASP C 305 -18.95 -0.03 9.29
C ASP C 305 -19.19 1.38 8.78
N ALA C 306 -18.34 1.80 7.85
CA ALA C 306 -18.42 3.13 7.25
C ALA C 306 -19.82 3.73 7.32
N SER C 307 -20.67 3.34 6.37
CA SER C 307 -22.04 3.85 6.31
C SER C 307 -23.01 3.03 7.15
N LYS C 308 -23.10 3.42 8.42
CA LYS C 308 -23.97 2.78 9.40
C LYS C 308 -23.58 3.50 10.69
N ARG C 309 -22.87 4.61 10.50
CA ARG C 309 -22.37 5.44 11.57
C ARG C 309 -22.78 6.87 11.27
N ILE C 310 -23.25 7.56 12.30
CA ILE C 310 -23.68 8.95 12.20
C ILE C 310 -22.90 9.75 11.13
N SER C 311 -23.48 10.86 10.70
CA SER C 311 -22.81 11.71 9.72
C SER C 311 -22.46 13.03 10.41
N VAL C 312 -21.95 14.00 9.66
CA VAL C 312 -21.62 15.30 10.23
C VAL C 312 -22.91 16.07 10.47
N ASP C 313 -23.93 15.80 9.67
CA ASP C 313 -25.22 16.48 9.80
C ASP C 313 -26.07 15.95 10.96
N GLU C 314 -25.81 14.72 11.38
CA GLU C 314 -26.55 14.10 12.48
C GLU C 314 -25.91 14.38 13.84
N ALA C 315 -24.69 14.90 13.81
CA ALA C 315 -24.00 15.25 15.04
C ALA C 315 -24.58 16.59 15.45
N LEU C 316 -24.58 17.55 14.52
CA LEU C 316 -25.14 18.85 14.81
C LEU C 316 -26.66 18.74 14.92
N GLN C 317 -27.14 17.52 15.16
CA GLN C 317 -28.56 17.27 15.30
C GLN C 317 -28.82 16.31 16.41
N HIS C 318 -27.76 15.70 16.94
CA HIS C 318 -27.91 14.76 18.06
C HIS C 318 -28.27 15.67 19.22
N PRO C 319 -29.08 15.17 20.16
CA PRO C 319 -29.44 16.01 21.29
C PRO C 319 -28.26 16.61 22.04
N TYR C 320 -27.31 15.76 22.42
CA TYR C 320 -26.16 16.22 23.19
C TYR C 320 -25.48 17.44 22.56
N ILE C 321 -25.86 17.76 21.34
CA ILE C 321 -25.26 18.89 20.64
C ILE C 321 -26.23 19.99 20.23
N ASN C 322 -27.31 19.59 19.57
CA ASN C 322 -28.34 20.50 19.04
C ASN C 322 -28.79 21.67 19.90
N VAL C 323 -28.43 21.66 21.18
CA VAL C 323 -28.84 22.73 22.08
C VAL C 323 -28.44 24.12 21.58
N TRP C 324 -27.16 24.32 21.31
CA TRP C 324 -26.73 25.62 20.80
C TRP C 324 -26.66 25.59 19.27
N TYR C 325 -27.60 24.87 18.67
CA TYR C 325 -27.68 24.76 17.22
C TYR C 325 -28.26 26.05 16.66
N ASP C 326 -27.43 26.78 15.94
CA ASP C 326 -27.81 28.03 15.31
C ASP C 326 -27.53 27.85 13.83
N PRO C 327 -28.60 27.64 13.05
CA PRO C 327 -28.46 27.45 11.61
C PRO C 327 -27.44 28.43 11.01
N SER C 328 -27.34 29.63 11.57
CA SER C 328 -26.40 30.62 11.05
C SER C 328 -24.92 30.20 11.26
N GLU C 329 -24.72 28.97 11.73
CA GLU C 329 -23.37 28.48 11.99
C GLU C 329 -23.16 27.03 11.48
N ALA C 330 -24.24 26.39 11.02
CA ALA C 330 -24.17 25.02 10.49
C ALA C 330 -24.65 25.00 9.04
N GLU C 331 -25.89 25.41 8.82
CA GLU C 331 -26.45 25.48 7.47
C GLU C 331 -25.89 26.75 6.82
N ALA C 332 -24.58 26.93 6.93
CA ALA C 332 -23.89 28.10 6.40
C ALA C 332 -23.16 27.92 5.08
N PRO C 333 -22.86 29.03 4.39
CA PRO C 333 -22.17 29.09 3.09
C PRO C 333 -20.98 28.13 2.98
N PRO C 334 -20.92 27.35 1.89
CA PRO C 334 -19.84 26.38 1.64
C PRO C 334 -18.53 27.03 1.18
N PRO C 335 -17.41 26.30 1.35
CA PRO C 335 -16.07 26.75 0.98
C PRO C 335 -15.93 27.08 -0.50
N LYS C 336 -16.07 28.35 -0.83
CA LYS C 336 -15.96 28.79 -2.22
C LYS C 336 -14.70 28.29 -2.93
N ILE C 337 -14.82 27.22 -3.70
CA ILE C 337 -13.68 26.72 -4.47
C ILE C 337 -13.94 27.08 -5.92
N PRO C 338 -12.89 27.39 -6.68
CA PRO C 338 -13.02 27.75 -8.09
C PRO C 338 -13.30 26.56 -9.02
N ASP C 339 -12.43 25.55 -8.95
CA ASP C 339 -12.54 24.33 -9.75
C ASP C 339 -11.27 23.52 -9.57
N LYS C 340 -10.47 23.94 -8.59
CA LYS C 340 -9.21 23.27 -8.28
C LYS C 340 -9.45 21.79 -8.06
N GLN C 341 -9.37 21.03 -9.15
CA GLN C 341 -9.57 19.61 -9.11
C GLN C 341 -8.30 18.92 -9.65
N LEU C 342 -7.20 19.67 -9.59
CA LEU C 342 -5.91 19.16 -10.02
C LEU C 342 -5.46 18.28 -8.84
N ASP C 343 -6.42 17.97 -7.97
CA ASP C 343 -6.19 17.15 -6.78
C ASP C 343 -5.78 15.72 -7.18
N GLU C 344 -6.52 15.15 -8.12
CA GLU C 344 -6.24 13.80 -8.59
C GLU C 344 -5.50 13.85 -9.93
N ARG C 345 -5.33 15.06 -10.44
CA ARG C 345 -4.65 15.27 -11.72
C ARG C 345 -3.12 15.33 -11.53
N GLU C 346 -2.52 14.17 -11.29
CA GLU C 346 -1.08 14.04 -11.10
C GLU C 346 -0.30 14.91 -12.08
N HIS C 347 0.51 15.83 -11.53
CA HIS C 347 1.34 16.70 -12.37
C HIS C 347 2.81 16.47 -12.02
N THR C 348 3.68 17.09 -12.82
CA THR C 348 5.12 16.95 -12.61
C THR C 348 5.52 17.42 -11.22
N ILE C 349 6.66 16.92 -10.75
CA ILE C 349 7.17 17.34 -9.46
C ILE C 349 7.39 18.84 -9.62
N GLU C 350 7.80 19.22 -10.84
CA GLU C 350 8.09 20.60 -11.23
C GLU C 350 6.86 21.34 -11.75
N GLU C 351 6.00 20.63 -12.48
CA GLU C 351 4.81 21.30 -12.99
C GLU C 351 3.92 21.62 -11.81
N TRP C 352 4.29 21.10 -10.63
CA TRP C 352 3.55 21.34 -9.39
C TRP C 352 4.08 22.65 -8.84
N LYS C 353 5.40 22.76 -8.82
CA LYS C 353 6.11 23.95 -8.35
C LYS C 353 5.50 25.18 -9.02
N GLU C 354 4.82 24.95 -10.14
CA GLU C 354 4.16 26.02 -10.88
C GLU C 354 2.91 26.36 -10.07
N LEU C 355 1.95 25.45 -10.06
CA LEU C 355 0.71 25.65 -9.31
C LEU C 355 1.02 26.03 -7.88
N ILE C 356 1.86 25.23 -7.22
CA ILE C 356 2.25 25.50 -5.84
C ILE C 356 2.68 26.97 -5.70
N TYR C 357 3.73 27.32 -6.42
CA TYR C 357 4.29 28.67 -6.42
C TYR C 357 3.34 29.70 -7.05
N LYS C 358 3.04 29.52 -8.32
CA LYS C 358 2.16 30.42 -9.07
C LYS C 358 0.88 30.76 -8.31
N GLU C 359 0.68 30.11 -7.17
CA GLU C 359 -0.51 30.35 -6.37
C GLU C 359 -0.19 31.20 -5.13
N VAL C 360 1.06 31.18 -4.70
CA VAL C 360 1.50 31.94 -3.53
C VAL C 360 1.51 33.46 -3.74
N MET C 361 2.20 33.88 -4.80
CA MET C 361 2.29 35.30 -5.15
C MET C 361 0.92 35.94 -5.27
N ASP C 362 -0.12 35.10 -5.30
CA ASP C 362 -1.49 35.59 -5.41
C ASP C 362 -2.04 35.98 -4.04
N LEU C 363 -1.30 35.65 -3.00
CA LEU C 363 -1.72 35.98 -1.64
C LEU C 363 -0.56 36.58 -0.85
N GLU C 364 0.28 37.35 -1.54
CA GLU C 364 1.41 37.99 -0.88
C GLU C 364 1.32 39.55 -0.85
N HIS C 365 1.50 40.18 -1.93
N PRO D 2 -30.48 27.61 26.89
CA PRO D 2 -29.37 28.01 27.77
C PRO D 2 -28.41 28.91 27.01
N LYS D 3 -27.26 29.22 27.61
CA LYS D 3 -26.27 30.07 26.94
C LYS D 3 -24.83 29.59 27.01
N ARG D 4 -24.19 29.67 25.86
CA ARG D 4 -22.80 29.26 25.65
C ARG D 4 -21.87 29.81 26.71
N PRO D 5 -20.75 29.11 26.92
CA PRO D 5 -19.70 29.45 27.89
C PRO D 5 -18.89 30.65 27.45
N THR D 6 -18.04 31.14 28.35
CA THR D 6 -17.19 32.29 28.08
C THR D 6 -15.81 32.14 28.74
N THR D 7 -15.62 31.05 29.48
CA THR D 7 -14.38 30.79 30.18
C THR D 7 -13.85 29.37 30.01
N LEU D 8 -12.52 29.25 30.04
CA LEU D 8 -11.83 27.96 29.91
C LEU D 8 -10.45 28.11 30.56
N ASN D 9 -10.26 27.43 31.68
CA ASN D 9 -9.03 27.50 32.46
C ASN D 9 -7.91 26.60 31.94
N LEU D 10 -6.88 27.22 31.36
CA LEU D 10 -5.75 26.48 30.80
C LEU D 10 -4.41 26.91 31.40
N PHE D 11 -4.29 28.07 31.84
S SO4 E . -3.06 -13.13 -0.08
O1 SO4 E . -3.21 -14.51 -0.43
O2 SO4 E . -3.00 -13.01 1.33
O3 SO4 E . -1.89 -12.61 -0.68
O4 SO4 E . -4.19 -12.41 -0.57
S SO4 F . 3.30 -2.54 -11.02
O1 SO4 F . 2.01 -2.47 -11.65
O2 SO4 F . 4.27 -3.02 -11.95
O3 SO4 F . 3.68 -1.22 -10.56
O4 SO4 F . 3.24 -3.44 -9.90
C1 73Q G . -0.33 -26.60 -14.72
C2 73Q G . 0.35 -26.97 -16.01
N1 73Q G . 0.72 -28.23 -16.36
N2 73Q G . 1.31 -28.19 -17.60
C3 73Q G . 1.84 -29.34 -18.29
C4 73Q G . 1.33 -26.95 -18.05
N3 73Q G . 1.82 -26.37 -19.23
O1 73Q G . 2.40 -27.15 -20.17
C5 73Q G . 1.73 -25.03 -19.48
C6 73Q G . 2.21 -24.36 -20.65
C7 73Q G . 2.10 -23.00 -20.88
C8 73Q G . 1.47 -22.16 -19.88
CL 73Q G . 1.29 -20.48 -20.07
C9 73Q G . 0.99 -22.77 -18.72
C10 73Q G . 1.10 -24.17 -18.49
C11 73Q G . 0.59 -24.75 -17.27
O2 73Q G . 0.04 -24.01 -16.39
C12 73Q G . 0.70 -26.12 -17.02
S SO4 H . 2.28 4.50 12.67
O1 SO4 H . 0.88 4.25 12.85
O2 SO4 H . 2.48 5.22 11.46
O3 SO4 H . 2.77 5.29 13.74
O4 SO4 H . 2.98 3.26 12.63
S SO4 I . -3.56 11.25 -0.86
O1 SO4 I . -4.94 10.87 -0.79
O2 SO4 I . -2.95 10.58 -1.97
O3 SO4 I . -3.47 12.66 -1.02
O4 SO4 I . -2.90 10.86 0.35
C1 73Q J . 0.92 23.10 19.26
C2 73Q J . 0.07 24.35 19.33
N1 73Q J . -0.32 24.95 20.47
N2 73Q J . -1.10 26.05 20.16
C3 73Q J . -1.68 26.93 21.13
C4 73Q J . -1.20 26.16 18.85
N3 73Q J . -1.87 27.07 18.01
O1 73Q J . -2.58 28.09 18.53
C5 73Q J . -1.83 26.99 16.65
C6 73Q J . -2.47 27.88 15.74
C7 73Q J . -2.40 27.75 14.35
C8 73Q J . -1.64 26.68 13.79
CL 73Q J . -1.49 26.48 12.12
C9 73Q J . -1.01 25.79 14.64
C10 73Q J . -1.08 25.91 16.05
C11 73Q J . -0.40 24.96 16.89
O2 73Q J . 0.25 24.01 16.36
C12 73Q J . -0.45 25.05 18.26
#